data_6YKX
#
_entry.id   6YKX
#
_cell.length_a   49.179
_cell.length_b   81.397
_cell.length_c   224.364
_cell.angle_alpha   90.000
_cell.angle_beta   90.000
_cell.angle_gamma   90.000
#
_symmetry.space_group_name_H-M   'P 21 21 21'
#
loop_
_entity.id
_entity.type
_entity.pdbx_description
1 polymer 'Leucine--tRNA ligase'
2 non-polymer '[(2~{R},3~{S},4~{S},5~{R})-3,4-bis(oxidanyl)-5-[3-[4-[[(phenylmethyl)carbamoylamino]methyl]-1,2,3-triazol-1-yl]propyl]oxan-2-yl]methyl ~{N}-[(2~{S})-2-azanyl-4-methyl-pentanoyl]sulfamate'
3 non-polymer 1,2-ETHANEDIOL
4 non-polymer 'MAGNESIUM ION'
5 non-polymer 'ZINC ION'
6 water water
#
_entity_poly.entity_id   1
_entity_poly.type   'polypeptide(L)'
_entity_poly.pdbx_seq_one_letter_code
;GMQEHYQPAAIEPAAQKKWDDARISNVSEDASKPKYYCLSMFPYPSGKLHMGHVRNYTIGDVLSRFKLLNGFNVMQPMGW
DAFGMPAENAAMKNNVAPAAWTYDNIEYMKTQLKSLGFAVDWEREVATCKPEYYRWEQWLFTKLFEKGIVYRKNGTVNWD
PVDQTVLANEQVIDGRGWRSGALIEKREIPMYYFKITDYAEELLNDLDKLEHWPEQVKTMQRNWIGKSRGMTVRFAVSDD
SKQGLEGDYAKFLQVYTTRPDTLMGATYVAVAAEHPLATAAAADKPELQAFIAECKAGSVAEADMATMEKKGVPTGRYVV
NPLNGDKLEVWIANYVLWGYGDGAVMAVPAHDERDFEFAAKYNLPKKQVIAVGDNAFDANRWQEWYGDKENGVLVNSGDL
DGLDFQTAFDAVAAKLQSQGAGEPKTQYRLRDWGISRQRYWGCPIPIVHCEKCGNVPVPADQLPVVLPENVVPDGMGSPL
AKMPEFYETSCPCCGGAAKRETDTMDTFIESSWYFFRYMSPKFSDGMVSAESAKYWGAVDQYIGGIEHAILHLLYARFFT
KLMRDEGLVNVDEPFERLLTQGMVVCETYYRENDKGGKDWINPADVELTFDDKGRPVSAVLKADGLPVVISGTEKMSKSK
NNGVDPQELINAYGADTARLFMMFAAPPEQSLEWSDSGVEGAHRFLRRLWRTVYEYLKQGGAVKAFAGNQDGLSKELKDL
RHKLHSTTAKVSDDYGRRQQFNTAIAAVMELLNQYDKTDTGSEQGRAVAQEVLEAAVRLLWPIVPHICETLWSELNGAKL
WEAGWPTVDEAALVKSEIEVMVQVNGKLRGKITVAADASKADLEAAALANEGAVKFMEGKPAKKIIVVPGRLVNIVV
;
_entity_poly.pdbx_strand_id   A
#
# COMPACT_ATOMS: atom_id res chain seq x y z
N MET A 2 -44.67 1.96 -8.14
CA MET A 2 -43.49 1.10 -7.92
C MET A 2 -43.66 -0.27 -8.54
N GLN A 3 -42.72 -0.64 -9.41
CA GLN A 3 -42.76 -1.95 -10.06
C GLN A 3 -42.57 -3.06 -9.03
N GLU A 4 -43.23 -4.18 -9.26
CA GLU A 4 -43.20 -5.29 -8.30
C GLU A 4 -41.86 -6.01 -8.31
N HIS A 5 -41.18 -6.07 -9.43
CA HIS A 5 -39.94 -6.82 -9.50
C HIS A 5 -38.75 -5.87 -9.58
N TYR A 6 -37.68 -6.26 -8.94
CA TYR A 6 -36.48 -5.43 -8.87
C TYR A 6 -35.72 -5.52 -10.18
N GLN A 7 -35.59 -4.40 -10.88
CA GLN A 7 -34.97 -4.36 -12.20
C GLN A 7 -33.86 -3.32 -12.19
N PRO A 8 -32.62 -3.72 -11.92
CA PRO A 8 -31.53 -2.74 -11.72
C PRO A 8 -31.24 -1.87 -12.95
N ALA A 9 -31.38 -2.39 -14.17
CA ALA A 9 -31.14 -1.54 -15.32
C ALA A 9 -32.22 -0.49 -15.48
N ALA A 10 -33.41 -0.75 -14.94
CA ALA A 10 -34.42 0.29 -14.91
C ALA A 10 -34.10 1.39 -13.90
N ILE A 11 -33.26 1.14 -12.90
CA ILE A 11 -33.21 2.10 -11.80
C ILE A 11 -31.83 2.74 -11.62
N GLU A 12 -30.76 2.01 -11.97
CA GLU A 12 -29.42 2.56 -11.71
C GLU A 12 -29.14 3.79 -12.58
N PRO A 13 -29.40 3.78 -13.89
CA PRO A 13 -29.22 5.04 -14.66
C PRO A 13 -29.99 6.22 -14.09
N ALA A 14 -31.28 6.07 -13.76
CA ALA A 14 -32.04 7.20 -13.25
C ALA A 14 -31.46 7.73 -11.94
N ALA A 15 -31.01 6.83 -11.05
CA ALA A 15 -30.42 7.29 -9.80
C ALA A 15 -29.13 8.07 -10.05
N GLN A 16 -28.34 7.62 -11.01
CA GLN A 16 -27.11 8.34 -11.30
C GLN A 16 -27.40 9.72 -11.84
N LYS A 17 -28.40 9.85 -12.73
CA LYS A 17 -28.75 11.17 -13.23
C LYS A 17 -29.36 12.04 -12.13
N LYS A 18 -30.02 11.44 -11.14
CA LYS A 18 -30.50 12.26 -10.03
C LYS A 18 -29.34 12.75 -9.16
N TRP A 19 -28.30 11.92 -8.97
CA TRP A 19 -27.17 12.41 -8.19
C TRP A 19 -26.40 13.48 -8.95
N ASP A 20 -26.25 13.30 -10.26
CA ASP A 20 -25.46 14.25 -11.04
C ASP A 20 -26.20 15.58 -11.17
N ASP A 21 -27.52 15.52 -11.43
CA ASP A 21 -28.32 16.72 -11.51
C ASP A 21 -28.21 17.54 -10.24
N ALA A 22 -28.03 16.89 -9.10
CA ALA A 22 -27.93 17.55 -7.81
C ALA A 22 -26.50 17.93 -7.45
N ARG A 23 -25.51 17.49 -8.24
CA ARG A 23 -24.10 17.86 -8.06
C ARG A 23 -23.61 17.57 -6.65
N ILE A 24 -24.03 16.43 -6.10
CA ILE A 24 -23.74 16.14 -4.71
C ILE A 24 -22.29 15.73 -4.52
N SER A 25 -21.62 15.20 -5.54
CA SER A 25 -20.20 14.88 -5.42
C SER A 25 -19.28 15.97 -5.98
N ASN A 26 -19.82 17.11 -6.38
CA ASN A 26 -19.04 18.20 -6.96
C ASN A 26 -18.81 19.22 -5.86
N VAL A 27 -17.70 19.09 -5.15
CA VAL A 27 -17.53 19.86 -3.93
C VAL A 27 -16.62 21.04 -4.18
N SER A 28 -16.74 22.04 -3.32
CA SER A 28 -15.93 23.26 -3.39
C SER A 28 -15.32 23.49 -2.02
N GLU A 29 -14.53 24.57 -1.92
CA GLU A 29 -13.94 24.99 -0.65
C GLU A 29 -14.91 25.90 0.10
N ASP A 30 -15.92 25.28 0.69
CA ASP A 30 -16.95 25.99 1.43
C ASP A 30 -16.66 25.86 2.92
N ALA A 31 -16.26 26.96 3.55
CA ALA A 31 -15.80 26.95 4.93
C ALA A 31 -16.95 26.79 5.92
N SER A 32 -18.12 26.37 5.45
CA SER A 32 -19.31 26.20 6.28
C SER A 32 -19.60 24.74 6.64
N LYS A 33 -19.20 23.79 5.77
CA LYS A 33 -19.31 22.35 5.96
C LYS A 33 -17.94 21.77 6.31
N PRO A 34 -17.88 20.86 7.27
CA PRO A 34 -16.58 20.27 7.64
C PRO A 34 -16.08 19.30 6.57
N LYS A 35 -14.82 19.43 6.21
CA LYS A 35 -14.28 18.71 5.08
C LYS A 35 -13.98 17.26 5.43
N TYR A 36 -13.97 16.42 4.41
CA TYR A 36 -13.47 15.05 4.51
C TYR A 36 -12.96 14.65 3.13
N TYR A 37 -11.70 14.21 3.08
CA TYR A 37 -10.96 13.89 1.86
C TYR A 37 -10.70 12.38 1.88
N CYS A 38 -11.47 11.67 1.08
CA CYS A 38 -11.41 10.23 1.02
C CYS A 38 -10.89 9.88 -0.36
N LEU A 39 -9.76 9.16 -0.41
CA LEU A 39 -8.99 8.96 -1.63
C LEU A 39 -8.68 7.47 -1.85
N SER A 40 -9.05 6.98 -3.01
CA SER A 40 -8.65 5.66 -3.49
C SER A 40 -7.49 5.83 -4.47
N MET A 41 -6.53 4.90 -4.40
CA MET A 41 -5.35 4.98 -5.26
C MET A 41 -5.75 4.94 -6.72
N PHE A 42 -5.34 5.96 -7.48
CA PHE A 42 -5.85 6.10 -8.84
C PHE A 42 -5.24 5.04 -9.77
N PRO A 43 -6.01 4.57 -10.76
CA PRO A 43 -5.62 3.41 -11.57
C PRO A 43 -4.71 3.77 -12.74
N TYR A 44 -3.96 2.74 -13.19
CA TYR A 44 -3.36 2.79 -14.52
C TYR A 44 -4.46 2.68 -15.58
N PRO A 45 -4.50 3.57 -16.57
CA PRO A 45 -5.45 3.38 -17.68
C PRO A 45 -5.13 2.16 -18.53
N SER A 46 -5.41 0.99 -17.95
CA SER A 46 -5.08 -0.34 -18.48
C SER A 46 -5.78 -0.67 -19.80
N GLY A 47 -6.97 -0.14 -20.02
CA GLY A 47 -7.86 -0.75 -20.98
C GLY A 47 -9.23 -0.91 -20.35
N LYS A 48 -9.38 -1.82 -19.38
CA LYS A 48 -10.64 -2.00 -18.70
C LYS A 48 -10.40 -2.28 -17.22
N LEU A 49 -11.37 -1.88 -16.39
CA LEU A 49 -11.35 -2.21 -14.97
C LEU A 49 -11.26 -3.72 -14.74
N HIS A 50 -10.55 -4.09 -13.69
CA HIS A 50 -10.59 -5.45 -13.18
C HIS A 50 -11.25 -5.43 -11.79
N MET A 51 -11.33 -6.61 -11.17
CA MET A 51 -12.07 -6.75 -9.92
C MET A 51 -11.35 -6.12 -8.73
N GLY A 52 -10.02 -6.07 -8.78
CA GLY A 52 -9.28 -5.29 -7.78
C GLY A 52 -9.65 -3.82 -7.81
N HIS A 53 -9.81 -3.27 -9.01
CA HIS A 53 -10.31 -1.90 -9.15
C HIS A 53 -11.70 -1.74 -8.49
N VAL A 54 -12.60 -2.68 -8.75
CA VAL A 54 -13.96 -2.53 -8.23
C VAL A 54 -13.96 -2.70 -6.72
N ARG A 55 -13.19 -3.65 -6.21
CA ARG A 55 -13.05 -3.78 -4.76
C ARG A 55 -12.59 -2.47 -4.15
N ASN A 56 -11.52 -1.90 -4.69
CA ASN A 56 -10.97 -0.68 -4.11
C ASN A 56 -11.95 0.48 -4.18
N TYR A 57 -12.61 0.69 -5.31
CA TYR A 57 -13.35 1.93 -5.40
C TYR A 57 -14.71 1.80 -4.74
N THR A 58 -15.20 0.58 -4.60
CA THR A 58 -16.37 0.36 -3.76
C THR A 58 -16.06 0.66 -2.31
N ILE A 59 -14.92 0.17 -1.82
CA ILE A 59 -14.52 0.49 -0.45
C ILE A 59 -14.43 2.00 -0.26
N GLY A 60 -13.81 2.70 -1.22
CA GLY A 60 -13.76 4.15 -1.14
C GLY A 60 -15.14 4.79 -1.09
N ASP A 61 -16.07 4.24 -1.87
CA ASP A 61 -17.40 4.81 -1.99
C ASP A 61 -18.25 4.55 -0.76
N VAL A 62 -18.12 3.38 -0.16
CA VAL A 62 -18.83 3.12 1.09
C VAL A 62 -18.46 4.18 2.12
N LEU A 63 -17.16 4.44 2.29
CA LEU A 63 -16.69 5.37 3.31
C LEU A 63 -17.05 6.82 2.95
N SER A 64 -16.96 7.21 1.67
CA SER A 64 -17.34 8.56 1.30
C SER A 64 -18.84 8.79 1.46
N ARG A 65 -19.69 7.85 1.02
CA ARG A 65 -21.13 8.05 1.13
C ARG A 65 -21.57 8.10 2.58
N PHE A 66 -20.96 7.28 3.43
CA PHE A 66 -21.27 7.31 4.85
C PHE A 66 -20.96 8.68 5.45
N LYS A 67 -19.76 9.20 5.17
CA LYS A 67 -19.38 10.49 5.73
C LYS A 67 -20.21 11.62 5.15
N LEU A 68 -20.58 11.50 3.89
CA LEU A 68 -21.49 12.45 3.28
C LEU A 68 -22.84 12.42 3.98
N LEU A 69 -23.40 11.23 4.22
CA LEU A 69 -24.65 11.12 4.97
C LEU A 69 -24.52 11.68 6.38
N ASN A 70 -23.30 11.77 6.91
CA ASN A 70 -23.10 12.37 8.22
C ASN A 70 -22.82 13.87 8.16
N GLY A 71 -23.00 14.50 7.00
CA GLY A 71 -22.88 15.95 6.90
C GLY A 71 -21.53 16.52 6.56
N PHE A 72 -20.61 15.72 6.02
CA PHE A 72 -19.29 16.25 5.68
C PHE A 72 -19.26 16.78 4.24
N ASN A 73 -18.43 17.79 4.02
CA ASN A 73 -18.07 18.21 2.68
C ASN A 73 -17.04 17.20 2.17
N VAL A 74 -17.49 16.23 1.37
CA VAL A 74 -16.71 15.06 1.00
C VAL A 74 -16.13 15.26 -0.39
N MET A 75 -14.81 15.17 -0.50
CA MET A 75 -14.14 15.13 -1.79
C MET A 75 -13.60 13.72 -2.02
N GLN A 76 -14.13 13.06 -3.05
CA GLN A 76 -13.64 11.76 -3.50
C GLN A 76 -13.22 11.91 -4.96
N PRO A 77 -11.94 12.18 -5.21
CA PRO A 77 -11.48 12.48 -6.57
C PRO A 77 -10.99 11.22 -7.29
N MET A 78 -10.81 11.36 -8.60
CA MET A 78 -10.47 10.23 -9.46
C MET A 78 -9.67 10.74 -10.65
N GLY A 79 -8.73 9.93 -11.11
CA GLY A 79 -7.90 10.30 -12.23
C GLY A 79 -7.06 9.12 -12.66
N TRP A 80 -6.01 9.41 -13.44
CA TRP A 80 -5.35 8.35 -14.20
C TRP A 80 -3.85 8.50 -14.10
N ASP A 81 -3.23 7.47 -13.52
CA ASP A 81 -1.79 7.24 -13.48
C ASP A 81 -1.39 6.73 -14.86
N ALA A 82 -1.11 7.65 -15.79
CA ALA A 82 -1.19 7.41 -17.23
C ALA A 82 0.13 7.03 -17.88
N PHE A 83 1.26 7.40 -17.30
CA PHE A 83 2.56 7.09 -17.89
C PHE A 83 3.02 5.69 -17.49
N GLY A 84 4.03 5.19 -18.19
CA GLY A 84 4.64 3.93 -17.88
C GLY A 84 4.64 2.98 -19.06
N MET A 85 5.24 1.82 -18.83
CA MET A 85 5.51 0.82 -19.87
C MET A 85 4.28 0.19 -20.52
N PRO A 86 3.14 -0.03 -19.80
CA PRO A 86 1.97 -0.65 -20.45
C PRO A 86 1.65 -0.10 -21.83
N ALA A 87 1.41 1.20 -21.90
CA ALA A 87 1.09 1.82 -23.19
C ALA A 87 2.24 1.70 -24.17
N GLU A 88 3.48 1.78 -23.70
CA GLU A 88 4.60 1.63 -24.62
C GLU A 88 4.61 0.26 -25.27
N ASN A 89 4.35 -0.80 -24.49
CA ASN A 89 4.32 -2.14 -25.08
C ASN A 89 3.08 -2.32 -25.95
N ALA A 90 1.92 -1.88 -25.48
CA ALA A 90 0.73 -1.93 -26.32
C ALA A 90 0.97 -1.20 -27.64
N ALA A 91 1.69 -0.08 -27.58
CA ALA A 91 2.04 0.65 -28.78
C ALA A 91 2.90 -0.19 -29.71
N MET A 92 3.93 -0.82 -29.17
CA MET A 92 4.80 -1.64 -29.99
C MET A 92 4.01 -2.76 -30.65
N LYS A 93 3.13 -3.41 -29.90
CA LYS A 93 2.45 -4.57 -30.44
C LYS A 93 1.30 -4.20 -31.38
N ASN A 94 0.73 -3.01 -31.28
CA ASN A 94 -0.45 -2.66 -32.06
C ASN A 94 -0.23 -1.60 -33.14
N ASN A 95 0.96 -0.98 -33.21
CA ASN A 95 1.27 0.07 -34.18
C ASN A 95 0.39 1.32 -33.98
N VAL A 96 0.28 1.76 -32.73
CA VAL A 96 -0.56 2.89 -32.33
C VAL A 96 0.25 3.75 -31.35
N ALA A 97 -0.08 5.06 -31.28
CA ALA A 97 0.71 5.88 -30.37
C ALA A 97 0.30 5.61 -28.92
N PRO A 98 1.27 5.57 -27.99
CA PRO A 98 0.90 5.35 -26.58
C PRO A 98 -0.14 6.34 -26.07
N ALA A 99 -0.05 7.60 -26.47
CA ALA A 99 -1.05 8.57 -26.04
C ALA A 99 -2.46 8.20 -26.52
N ALA A 100 -2.60 7.80 -27.79
CA ALA A 100 -3.92 7.51 -28.34
C ALA A 100 -4.54 6.30 -27.63
N TRP A 101 -3.77 5.25 -27.44
CA TRP A 101 -4.21 4.11 -26.65
C TRP A 101 -4.62 4.51 -25.24
N THR A 102 -3.83 5.39 -24.60
CA THR A 102 -4.11 5.80 -23.22
C THR A 102 -5.41 6.59 -23.13
N TYR A 103 -5.63 7.52 -24.05
CA TYR A 103 -6.82 8.35 -23.97
C TYR A 103 -8.08 7.54 -24.29
N ASP A 104 -7.99 6.54 -25.17
CA ASP A 104 -9.15 5.69 -25.36
C ASP A 104 -9.44 4.84 -24.13
N ASN A 105 -8.40 4.26 -23.51
CA ASN A 105 -8.62 3.48 -22.31
C ASN A 105 -9.28 4.33 -21.23
N ILE A 106 -8.79 5.56 -21.05
CA ILE A 106 -9.34 6.46 -20.03
C ILE A 106 -10.83 6.65 -20.27
N GLU A 107 -11.20 6.91 -21.52
CA GLU A 107 -12.59 7.18 -21.84
C GLU A 107 -13.46 5.96 -21.54
N TYR A 108 -13.00 4.77 -21.92
CA TYR A 108 -13.76 3.57 -21.62
C TYR A 108 -13.87 3.34 -20.11
N MET A 109 -12.74 3.39 -19.40
CA MET A 109 -12.76 3.09 -17.98
C MET A 109 -13.58 4.11 -17.20
N LYS A 110 -13.57 5.38 -17.64
CA LYS A 110 -14.43 6.36 -17.02
C LYS A 110 -15.90 5.94 -17.10
N THR A 111 -16.33 5.48 -18.29
CA THR A 111 -17.71 5.04 -18.47
C THR A 111 -18.06 3.92 -17.48
N GLN A 112 -17.13 2.98 -17.30
CA GLN A 112 -17.37 1.88 -16.36
C GLN A 112 -17.51 2.38 -14.94
N LEU A 113 -16.60 3.27 -14.51
CA LEU A 113 -16.68 3.79 -13.15
C LEU A 113 -17.99 4.53 -12.91
N LYS A 114 -18.37 5.41 -13.86
CA LYS A 114 -19.62 6.12 -13.74
C LYS A 114 -20.79 5.16 -13.61
N SER A 115 -20.76 4.05 -14.34
CA SER A 115 -21.89 3.14 -14.29
C SER A 115 -21.90 2.30 -13.02
N LEU A 116 -20.78 2.25 -12.29
CA LEU A 116 -20.80 1.64 -10.97
C LEU A 116 -21.37 2.58 -9.92
N GLY A 117 -21.54 3.86 -10.27
CA GLY A 117 -22.19 4.80 -9.38
C GLY A 117 -21.33 5.29 -8.25
N PHE A 118 -20.03 5.39 -8.46
CA PHE A 118 -19.16 5.93 -7.43
C PHE A 118 -19.42 7.44 -7.31
N ALA A 119 -19.52 7.93 -6.07
CA ALA A 119 -19.82 9.34 -5.80
C ALA A 119 -18.52 10.16 -5.91
N VAL A 120 -18.09 10.34 -7.15
CA VAL A 120 -16.77 10.85 -7.52
C VAL A 120 -16.93 12.28 -8.02
N ASP A 121 -16.01 13.17 -7.63
CA ASP A 121 -16.01 14.54 -8.15
C ASP A 121 -15.29 14.55 -9.50
N TRP A 122 -16.04 14.32 -10.58
CA TRP A 122 -15.41 14.24 -11.90
C TRP A 122 -14.88 15.60 -12.37
N GLU A 123 -15.36 16.70 -11.82
CA GLU A 123 -14.77 17.98 -12.17
C GLU A 123 -13.33 18.13 -11.66
N ARG A 124 -12.85 17.18 -10.85
CA ARG A 124 -11.46 17.21 -10.39
C ARG A 124 -10.58 16.17 -11.09
N GLU A 125 -11.08 15.53 -12.14
CA GLU A 125 -10.30 14.55 -12.89
C GLU A 125 -8.96 15.13 -13.36
N VAL A 126 -7.89 14.35 -13.22
CA VAL A 126 -6.60 14.65 -13.80
C VAL A 126 -6.15 13.44 -14.62
N ALA A 127 -5.29 13.69 -15.60
CA ALA A 127 -4.57 12.64 -16.30
C ALA A 127 -3.11 13.02 -16.34
N THR A 128 -2.24 12.17 -15.78
CA THR A 128 -0.87 12.60 -15.52
C THR A 128 -0.03 12.71 -16.78
N CYS A 129 -0.45 12.15 -17.91
CA CYS A 129 0.26 12.35 -19.17
C CYS A 129 -0.09 13.67 -19.85
N LYS A 130 -0.97 14.47 -19.26
CA LYS A 130 -1.24 15.77 -19.87
C LYS A 130 -0.22 16.79 -19.40
N PRO A 131 0.22 17.67 -20.29
CA PRO A 131 1.20 18.70 -19.88
C PRO A 131 0.65 19.67 -18.82
N GLU A 132 -0.67 19.88 -18.81
CA GLU A 132 -1.29 20.62 -17.71
C GLU A 132 -0.96 19.99 -16.37
N TYR A 133 -0.69 18.67 -16.34
CA TYR A 133 -0.32 18.02 -15.11
C TYR A 133 1.21 17.99 -14.90
N TYR A 134 1.97 17.45 -15.85
CA TYR A 134 3.33 17.07 -15.48
C TYR A 134 4.30 18.23 -15.51
N ARG A 135 3.92 19.36 -16.09
CA ARG A 135 4.72 20.57 -15.97
C ARG A 135 5.05 20.87 -14.52
N TRP A 136 4.12 20.56 -13.59
CA TRP A 136 4.35 20.92 -12.20
C TRP A 136 5.39 20.03 -11.52
N GLU A 137 5.54 18.76 -11.93
CA GLU A 137 6.68 18.02 -11.39
C GLU A 137 7.99 18.39 -12.11
N GLN A 138 7.92 18.79 -13.39
CA GLN A 138 9.11 19.37 -14.00
C GLN A 138 9.52 20.63 -13.25
N TRP A 139 8.53 21.46 -12.89
CA TRP A 139 8.81 22.66 -12.11
C TRP A 139 9.48 22.32 -10.79
N LEU A 140 8.89 21.40 -10.00
CA LEU A 140 9.51 21.04 -8.72
C LEU A 140 10.93 20.52 -8.92
N PHE A 141 11.12 19.61 -9.88
CA PHE A 141 12.44 19.11 -10.23
C PHE A 141 13.47 20.24 -10.39
N THR A 142 13.16 21.27 -11.20
CA THR A 142 14.15 22.33 -11.45
C THR A 142 14.51 23.04 -10.15
N LYS A 143 13.51 23.27 -9.29
CA LYS A 143 13.74 23.92 -8.00
C LYS A 143 14.65 23.06 -7.14
N LEU A 144 14.39 21.75 -7.08
CA LEU A 144 15.20 20.90 -6.24
C LEU A 144 16.57 20.69 -6.86
N PHE A 145 16.66 20.76 -8.19
CA PHE A 145 17.95 20.64 -8.88
C PHE A 145 18.86 21.80 -8.53
N GLU A 146 18.32 23.02 -8.57
CA GLU A 146 19.10 24.19 -8.19
C GLU A 146 19.55 24.11 -6.73
N LYS A 147 18.79 23.43 -5.85
CA LYS A 147 19.13 23.29 -4.44
C LYS A 147 20.02 22.09 -4.16
N GLY A 148 20.45 21.35 -5.16
CA GLY A 148 21.18 20.12 -4.93
C GLY A 148 20.38 18.97 -4.38
N ILE A 149 19.06 19.13 -4.18
CA ILE A 149 18.24 18.03 -3.68
C ILE A 149 17.99 17.00 -4.78
N VAL A 150 17.97 17.44 -6.04
CA VAL A 150 18.05 16.57 -7.19
C VAL A 150 19.45 16.78 -7.75
N TYR A 151 20.16 15.69 -8.03
CA TYR A 151 21.51 15.78 -8.54
C TYR A 151 21.73 14.69 -9.56
N ARG A 152 22.76 14.90 -10.36
CA ARG A 152 23.14 14.04 -11.46
C ARG A 152 24.46 13.37 -11.10
N LYS A 153 24.55 12.06 -11.31
CA LYS A 153 25.73 11.28 -10.95
C LYS A 153 25.73 9.99 -11.77
N ASN A 154 26.91 9.43 -12.00
CA ASN A 154 27.00 8.19 -12.76
C ASN A 154 26.56 7.03 -11.89
N GLY A 155 25.68 6.18 -12.42
CA GLY A 155 25.29 4.94 -11.79
C GLY A 155 25.42 3.75 -12.75
N THR A 156 25.10 2.57 -12.23
CA THR A 156 25.23 1.32 -12.97
C THR A 156 23.85 0.79 -13.35
N VAL A 157 23.68 0.42 -14.63
CA VAL A 157 22.43 -0.17 -15.11
C VAL A 157 22.70 -1.50 -15.81
N ASN A 158 21.66 -2.32 -15.88
CA ASN A 158 21.64 -3.54 -16.67
C ASN A 158 21.21 -3.16 -18.08
N TRP A 159 22.13 -3.29 -19.05
CA TRP A 159 21.82 -3.02 -20.44
C TRP A 159 21.54 -4.34 -21.15
N ASP A 160 20.41 -4.42 -21.86
CA ASP A 160 20.09 -5.56 -22.70
C ASP A 160 20.45 -5.20 -24.13
N PRO A 161 21.45 -5.86 -24.74
CA PRO A 161 21.93 -5.41 -26.05
C PRO A 161 21.12 -5.95 -27.22
N VAL A 162 20.21 -6.89 -27.00
CA VAL A 162 19.36 -7.35 -28.09
C VAL A 162 18.06 -6.55 -28.17
N ASP A 163 17.53 -6.12 -27.03
CA ASP A 163 16.33 -5.29 -26.99
C ASP A 163 16.65 -3.80 -26.84
N GLN A 164 17.92 -3.44 -26.71
CA GLN A 164 18.33 -2.05 -26.76
C GLN A 164 17.57 -1.20 -25.73
N THR A 165 17.50 -1.68 -24.50
CA THR A 165 16.91 -0.91 -23.43
C THR A 165 17.36 -1.42 -22.07
N VAL A 166 17.16 -0.57 -21.07
CA VAL A 166 17.64 -0.81 -19.71
C VAL A 166 16.62 -1.66 -18.96
N LEU A 167 17.10 -2.56 -18.10
CA LEU A 167 16.24 -3.43 -17.32
C LEU A 167 16.53 -3.29 -15.83
N ALA A 168 15.49 -3.40 -15.01
CA ALA A 168 15.64 -3.54 -13.58
C ALA A 168 16.08 -4.96 -13.25
N ASN A 169 16.59 -5.12 -12.03
CA ASN A 169 17.01 -6.46 -11.58
C ASN A 169 15.86 -7.45 -11.59
N GLU A 170 14.63 -6.96 -11.39
CA GLU A 170 13.45 -7.81 -11.45
C GLU A 170 13.27 -8.43 -12.82
N GLN A 171 13.84 -7.81 -13.86
CA GLN A 171 13.71 -8.29 -15.23
C GLN A 171 14.94 -9.05 -15.72
N VAL A 172 15.85 -9.42 -14.81
CA VAL A 172 17.05 -10.18 -15.16
C VAL A 172 16.96 -11.56 -14.50
N ILE A 173 17.03 -12.60 -15.34
CA ILE A 173 16.99 -13.98 -14.89
C ILE A 173 18.31 -14.65 -15.33
N ASP A 174 19.08 -15.11 -14.34
CA ASP A 174 20.33 -15.84 -14.58
C ASP A 174 21.28 -15.04 -15.47
N GLY A 175 21.33 -13.72 -15.24
CA GLY A 175 22.15 -12.80 -15.99
C GLY A 175 21.65 -12.42 -17.37
N ARG A 176 20.39 -12.72 -17.68
CA ARG A 176 19.85 -12.51 -19.02
C ARG A 176 18.56 -11.70 -18.97
N GLY A 177 18.28 -11.02 -20.08
CA GLY A 177 17.04 -10.28 -20.18
C GLY A 177 15.85 -11.22 -20.22
N TRP A 178 14.75 -10.78 -19.60
CA TRP A 178 13.59 -11.65 -19.43
C TRP A 178 12.88 -11.95 -20.75
N ARG A 179 12.70 -10.94 -21.61
CA ARG A 179 12.07 -11.18 -22.90
C ARG A 179 13.08 -11.70 -23.93
N SER A 180 14.25 -11.06 -24.03
CA SER A 180 15.20 -11.36 -25.10
C SER A 180 15.97 -12.65 -24.85
N GLY A 181 16.29 -12.95 -23.61
CA GLY A 181 17.18 -14.07 -23.34
C GLY A 181 18.65 -13.77 -23.54
N ALA A 182 19.01 -12.52 -23.85
CA ALA A 182 20.40 -12.14 -24.09
C ALA A 182 21.08 -11.75 -22.77
N LEU A 183 22.36 -12.07 -22.65
CA LEU A 183 23.12 -11.66 -21.48
C LEU A 183 23.08 -10.14 -21.35
N ILE A 184 22.81 -9.67 -20.14
CA ILE A 184 22.82 -8.22 -19.92
C ILE A 184 24.24 -7.75 -19.64
N GLU A 185 24.51 -6.49 -19.98
CA GLU A 185 25.77 -5.80 -19.70
C GLU A 185 25.56 -4.75 -18.62
N LYS A 186 26.42 -4.78 -17.61
CA LYS A 186 26.49 -3.71 -16.61
C LYS A 186 27.15 -2.49 -17.22
N ARG A 187 26.46 -1.35 -17.21
CA ARG A 187 26.95 -0.11 -17.81
C ARG A 187 26.87 1.05 -16.81
N GLU A 188 27.89 1.91 -16.84
CA GLU A 188 27.89 3.15 -16.06
C GLU A 188 27.35 4.29 -16.92
N ILE A 189 26.30 4.96 -16.45
CA ILE A 189 25.74 6.11 -17.18
C ILE A 189 25.31 7.19 -16.20
N PRO A 190 25.32 8.44 -16.65
CA PRO A 190 24.82 9.53 -15.80
C PRO A 190 23.31 9.43 -15.62
N MET A 191 22.86 9.56 -14.38
CA MET A 191 21.44 9.53 -14.05
C MET A 191 21.19 10.58 -13.00
N TYR A 192 19.90 10.81 -12.72
CA TYR A 192 19.45 11.81 -11.76
C TYR A 192 18.91 11.14 -10.50
N TYR A 193 19.16 11.77 -9.36
CA TYR A 193 18.72 11.23 -8.08
C TYR A 193 18.08 12.32 -7.24
N PHE A 194 17.05 11.93 -6.47
CA PHE A 194 16.53 12.71 -5.36
C PHE A 194 17.37 12.39 -4.13
N LYS A 195 17.78 13.41 -3.41
CA LYS A 195 18.58 13.16 -2.22
C LYS A 195 17.64 12.83 -1.06
N ILE A 196 16.99 11.68 -1.18
CA ILE A 196 15.98 11.31 -0.17
C ILE A 196 16.65 11.04 1.17
N THR A 197 17.92 10.62 1.16
CA THR A 197 18.67 10.39 2.39
C THR A 197 18.86 11.67 3.19
N ASP A 198 18.72 12.84 2.58
CA ASP A 198 18.74 14.07 3.37
C ASP A 198 17.56 14.12 4.32
N TYR A 199 16.46 13.44 4.00
CA TYR A 199 15.24 13.49 4.79
C TYR A 199 14.97 12.19 5.53
N ALA A 200 15.99 11.33 5.67
CA ALA A 200 15.78 9.99 6.23
C ALA A 200 15.27 10.04 7.65
N GLU A 201 15.82 10.95 8.46
CA GLU A 201 15.48 10.95 9.87
C GLU A 201 14.07 11.50 10.09
N GLU A 202 13.68 12.48 9.30
CA GLU A 202 12.29 12.98 9.30
C GLU A 202 11.32 11.88 8.87
N LEU A 203 11.65 11.14 7.80
CA LEU A 203 10.73 10.12 7.33
C LEU A 203 10.60 8.99 8.33
N LEU A 204 11.68 8.68 9.05
CA LEU A 204 11.62 7.64 10.05
C LEU A 204 10.78 8.08 11.24
N ASN A 205 11.03 9.27 11.76
CA ASN A 205 10.39 9.66 13.01
C ASN A 205 8.94 10.08 12.82
N ASP A 206 8.60 10.75 11.72
CA ASP A 206 7.23 11.20 11.53
C ASP A 206 6.25 10.05 11.44
N LEU A 207 6.73 8.83 11.12
CA LEU A 207 5.87 7.65 11.18
C LEU A 207 5.15 7.56 12.52
N ASP A 208 5.79 8.02 13.60
CA ASP A 208 5.23 7.94 14.94
C ASP A 208 3.95 8.75 15.10
N LYS A 209 3.67 9.73 14.24
CA LYS A 209 2.43 10.47 14.36
C LYS A 209 1.25 9.74 13.73
N LEU A 210 1.51 8.66 13.01
CA LEU A 210 0.51 7.98 12.21
C LEU A 210 -0.18 6.90 13.05
N GLU A 211 -0.94 7.38 14.03
CA GLU A 211 -1.63 6.45 14.93
C GLU A 211 -2.71 5.63 14.22
N HIS A 212 -3.20 6.08 13.07
CA HIS A 212 -4.22 5.35 12.33
C HIS A 212 -3.65 4.66 11.10
N TRP A 213 -2.39 4.36 11.13
CA TRP A 213 -1.81 3.48 10.15
C TRP A 213 -1.63 2.08 10.74
N PRO A 214 -1.77 1.06 9.90
CA PRO A 214 -1.42 -0.31 10.33
C PRO A 214 0.03 -0.37 10.75
N GLU A 215 0.27 -0.98 11.90
CA GLU A 215 1.63 -1.13 12.42
C GLU A 215 2.55 -1.86 11.44
N GLN A 216 2.00 -2.77 10.64
CA GLN A 216 2.86 -3.50 9.70
C GLN A 216 3.37 -2.59 8.59
N VAL A 217 2.54 -1.66 8.10
CA VAL A 217 3.04 -0.73 7.10
C VAL A 217 4.12 0.17 7.70
N LYS A 218 3.87 0.70 8.90
CA LYS A 218 4.87 1.55 9.53
C LYS A 218 6.16 0.78 9.78
N THR A 219 6.06 -0.44 10.31
CA THR A 219 7.25 -1.25 10.53
C THR A 219 7.99 -1.53 9.22
N MET A 220 7.26 -1.73 8.13
CA MET A 220 7.91 -1.97 6.85
C MET A 220 8.68 -0.72 6.38
N GLN A 221 8.10 0.46 6.58
CA GLN A 221 8.84 1.69 6.29
C GLN A 221 10.08 1.81 7.15
N ARG A 222 9.97 1.48 8.44
CA ARG A 222 11.13 1.64 9.32
C ARG A 222 12.28 0.75 8.88
N ASN A 223 11.98 -0.50 8.49
CA ASN A 223 13.02 -1.41 8.03
C ASN A 223 13.64 -0.93 6.72
N TRP A 224 12.86 -0.27 5.87
CA TRP A 224 13.41 0.14 4.58
C TRP A 224 14.38 1.29 4.75
N ILE A 225 13.99 2.29 5.54
CA ILE A 225 14.88 3.38 5.92
C ILE A 225 16.09 2.82 6.67
N GLY A 226 15.80 1.99 7.68
CA GLY A 226 16.81 1.12 8.25
C GLY A 226 17.91 1.87 8.96
N LYS A 227 17.52 2.71 9.91
CA LYS A 227 18.49 3.44 10.72
C LYS A 227 19.20 2.50 11.68
N SER A 228 20.49 2.72 11.87
CA SER A 228 21.21 2.03 12.92
C SER A 228 22.20 2.98 13.55
N ARG A 229 22.42 2.80 14.84
CA ARG A 229 23.45 3.51 15.57
C ARG A 229 24.52 2.50 15.94
N GLY A 230 25.72 2.69 15.41
CA GLY A 230 26.75 1.72 15.67
C GLY A 230 28.13 2.34 15.86
N MET A 231 29.13 1.61 15.40
CA MET A 231 30.51 2.00 15.59
C MET A 231 31.29 1.80 14.31
N THR A 232 32.02 2.83 13.90
CA THR A 232 33.14 2.69 12.99
C THR A 232 34.33 2.11 13.77
N VAL A 233 34.97 1.10 13.19
CA VAL A 233 36.10 0.41 13.80
C VAL A 233 37.16 0.23 12.73
N ARG A 234 38.39 0.61 13.04
CA ARG A 234 39.47 0.48 12.08
C ARG A 234 40.42 -0.60 12.57
N PHE A 235 40.58 -1.66 11.78
CA PHE A 235 41.51 -2.72 12.07
C PHE A 235 42.77 -2.45 11.28
N ALA A 236 43.90 -2.39 11.97
CA ALA A 236 45.15 -2.10 11.28
C ALA A 236 45.53 -3.30 10.42
N VAL A 237 46.04 -3.02 9.23
CA VAL A 237 46.45 -4.08 8.31
C VAL A 237 47.81 -4.59 8.75
N SER A 238 47.95 -5.92 8.83
CA SER A 238 49.21 -6.53 9.20
C SER A 238 50.31 -6.22 8.19
N ASP A 239 51.52 -5.97 8.68
CA ASP A 239 52.69 -5.72 7.83
C ASP A 239 52.81 -6.73 6.68
N ASP A 240 52.46 -7.99 6.91
CA ASP A 240 52.61 -9.00 5.88
C ASP A 240 51.53 -8.91 4.80
N SER A 241 50.57 -7.98 4.92
CA SER A 241 49.41 -7.94 4.04
C SER A 241 49.25 -6.64 3.27
N LYS A 242 50.31 -5.82 3.18
CA LYS A 242 50.16 -4.48 2.64
C LYS A 242 50.49 -4.37 1.16
N GLN A 243 50.67 -5.49 0.46
CA GLN A 243 51.06 -5.43 -0.94
C GLN A 243 49.88 -4.99 -1.81
N GLY A 244 50.13 -4.03 -2.70
CA GLY A 244 49.12 -3.54 -3.63
C GLY A 244 48.17 -2.52 -3.06
N LEU A 245 48.27 -2.19 -1.79
CA LEU A 245 47.39 -1.23 -1.18
C LEU A 245 48.05 0.14 -1.22
N GLU A 246 47.22 1.18 -1.30
CA GLU A 246 47.69 2.56 -1.35
C GLU A 246 46.82 3.43 -0.44
N GLY A 247 47.47 4.36 0.25
CA GLY A 247 46.76 5.33 1.04
C GLY A 247 46.27 4.80 2.37
N ASP A 248 45.04 5.15 2.76
CA ASP A 248 44.50 4.66 4.02
C ASP A 248 44.23 3.16 4.00
N TYR A 249 44.01 2.57 2.83
CA TYR A 249 43.80 1.13 2.75
C TYR A 249 45.06 0.33 3.04
N ALA A 250 46.24 0.94 2.91
CA ALA A 250 47.46 0.24 3.33
C ALA A 250 47.61 0.28 4.84
N LYS A 251 47.01 1.26 5.51
CA LYS A 251 47.17 1.38 6.95
C LYS A 251 46.09 0.62 7.74
N PHE A 252 44.83 0.65 7.30
CA PHE A 252 43.76 0.04 8.08
C PHE A 252 42.61 -0.40 7.18
N LEU A 253 41.84 -1.36 7.67
CA LEU A 253 40.53 -1.69 7.14
C LEU A 253 39.46 -1.13 8.08
N GLN A 254 38.69 -0.15 7.59
CA GLN A 254 37.60 0.45 8.36
C GLN A 254 36.31 -0.34 8.14
N VAL A 255 35.59 -0.59 9.23
CA VAL A 255 34.31 -1.29 9.15
C VAL A 255 33.27 -0.54 9.94
N TYR A 256 32.00 -0.90 9.67
CA TYR A 256 30.88 -0.46 10.47
C TYR A 256 30.24 -1.68 11.12
N THR A 257 29.91 -1.56 12.41
CA THR A 257 29.12 -2.61 13.06
C THR A 257 28.08 -2.01 14.01
N THR A 258 26.92 -2.65 14.08
CA THR A 258 25.89 -2.31 15.05
C THR A 258 26.07 -3.05 16.36
N ARG A 259 27.11 -3.86 16.50
CA ARG A 259 27.34 -4.62 17.72
C ARG A 259 28.78 -4.45 18.21
N PRO A 260 29.23 -3.21 18.45
CA PRO A 260 30.60 -3.03 18.98
C PRO A 260 30.82 -3.70 20.32
N ASP A 261 29.76 -4.09 21.02
CA ASP A 261 29.87 -4.82 22.27
C ASP A 261 30.35 -6.24 22.08
N THR A 262 30.46 -6.73 20.85
CA THR A 262 30.95 -8.07 20.55
C THR A 262 32.28 -8.04 19.80
N LEU A 263 32.98 -6.90 19.82
CA LEU A 263 34.21 -6.78 19.03
C LEU A 263 35.26 -7.78 19.48
N MET A 264 35.22 -8.17 20.76
CA MET A 264 36.07 -9.20 21.29
C MET A 264 35.73 -10.58 20.74
N GLY A 265 34.59 -10.74 20.08
CA GLY A 265 34.20 -11.98 19.44
C GLY A 265 34.37 -12.05 17.93
N ALA A 266 34.96 -11.04 17.30
CA ALA A 266 35.17 -11.10 15.86
C ALA A 266 36.24 -12.14 15.55
N THR A 267 35.92 -13.05 14.65
CA THR A 267 36.81 -14.14 14.29
C THR A 267 37.34 -14.01 12.86
N TYR A 268 36.80 -13.09 12.08
CA TYR A 268 37.29 -12.74 10.74
C TYR A 268 36.53 -11.50 10.30
N VAL A 269 37.02 -10.87 9.23
CA VAL A 269 36.37 -9.71 8.64
C VAL A 269 36.01 -10.08 7.19
N ALA A 270 35.09 -9.31 6.60
CA ALA A 270 34.68 -9.55 5.23
C ALA A 270 34.53 -8.23 4.47
N VAL A 271 34.97 -8.23 3.20
CA VAL A 271 34.96 -7.04 2.35
C VAL A 271 34.16 -7.30 1.09
N ALA A 272 33.58 -6.24 0.55
CA ALA A 272 32.91 -6.28 -0.75
C ALA A 272 33.90 -6.64 -1.85
N ALA A 273 33.36 -7.03 -3.02
CA ALA A 273 34.21 -7.45 -4.13
C ALA A 273 34.99 -6.28 -4.72
N GLU A 274 34.48 -5.05 -4.64
CA GLU A 274 35.13 -3.86 -5.17
C GLU A 274 36.16 -3.27 -4.21
N HIS A 275 36.26 -3.82 -3.00
CA HIS A 275 37.09 -3.22 -1.97
C HIS A 275 38.56 -3.33 -2.37
N PRO A 276 39.38 -2.32 -2.06
CA PRO A 276 40.78 -2.38 -2.47
C PRO A 276 41.51 -3.61 -1.95
N LEU A 277 41.13 -4.11 -0.77
CA LEU A 277 41.77 -5.31 -0.26
C LEU A 277 41.46 -6.51 -1.15
N ALA A 278 40.21 -6.67 -1.57
CA ALA A 278 39.89 -7.71 -2.55
C ALA A 278 40.72 -7.52 -3.81
N THR A 279 40.76 -6.29 -4.34
CA THR A 279 41.51 -6.02 -5.57
C THR A 279 42.98 -6.39 -5.40
N ALA A 280 43.60 -5.99 -4.28
CA ALA A 280 45.02 -6.24 -4.08
C ALA A 280 45.33 -7.73 -3.93
N ALA A 281 44.47 -8.48 -3.22
CA ALA A 281 44.69 -9.91 -3.04
C ALA A 281 44.30 -10.73 -4.26
N ALA A 282 43.31 -10.30 -5.03
CA ALA A 282 42.99 -11.00 -6.27
C ALA A 282 44.06 -10.84 -7.35
N ALA A 283 45.02 -9.91 -7.16
CA ALA A 283 46.01 -9.61 -8.19
C ALA A 283 46.63 -10.87 -8.78
N ASP A 284 47.01 -11.83 -7.93
CA ASP A 284 47.72 -13.01 -8.40
C ASP A 284 46.91 -14.29 -8.25
N LYS A 285 45.66 -14.22 -7.80
CA LYS A 285 44.88 -15.41 -7.43
C LYS A 285 43.61 -15.54 -8.28
N PRO A 286 43.62 -16.35 -9.32
CA PRO A 286 42.48 -16.40 -10.27
C PRO A 286 41.13 -16.76 -9.64
N GLU A 287 41.09 -17.66 -8.65
CA GLU A 287 39.81 -17.96 -8.01
C GLU A 287 39.21 -16.70 -7.36
N LEU A 288 40.04 -15.81 -6.84
CA LEU A 288 39.51 -14.57 -6.31
C LEU A 288 39.00 -13.67 -7.44
N GLN A 289 39.74 -13.59 -8.55
CA GLN A 289 39.25 -12.80 -9.68
C GLN A 289 37.89 -13.32 -10.15
N ALA A 290 37.73 -14.64 -10.26
CA ALA A 290 36.45 -15.15 -10.72
C ALA A 290 35.35 -14.90 -9.70
N PHE A 291 35.67 -14.99 -8.42
CA PHE A 291 34.67 -14.67 -7.42
C PHE A 291 34.28 -13.20 -7.49
N ILE A 292 35.21 -12.31 -7.83
CA ILE A 292 34.91 -10.89 -7.87
C ILE A 292 34.02 -10.59 -9.07
N ALA A 293 34.27 -11.28 -10.18
CA ALA A 293 33.50 -11.06 -11.41
C ALA A 293 32.07 -11.53 -11.25
N GLU A 294 31.86 -12.67 -10.59
CA GLU A 294 30.50 -13.18 -10.39
C GLU A 294 29.69 -12.23 -9.53
N CYS A 295 30.34 -11.59 -8.54
CA CYS A 295 29.67 -10.65 -7.67
C CYS A 295 29.21 -9.42 -8.46
N LYS A 296 30.04 -8.96 -9.39
CA LYS A 296 29.74 -7.78 -10.18
C LYS A 296 28.63 -8.06 -11.18
N ALA A 297 28.60 -9.28 -11.75
CA ALA A 297 27.58 -9.68 -12.72
C ALA A 297 26.21 -9.97 -12.10
N GLY A 298 26.13 -10.11 -10.77
CA GLY A 298 24.84 -10.39 -10.15
C GLY A 298 23.88 -9.23 -10.28
N SER A 299 22.58 -9.57 -10.33
CA SER A 299 21.50 -8.57 -10.34
C SER A 299 20.39 -8.98 -9.35
N VAL A 300 20.75 -9.10 -8.07
CA VAL A 300 19.81 -9.53 -7.03
C VAL A 300 18.96 -8.33 -6.62
N ALA A 301 17.67 -8.37 -6.94
CA ALA A 301 16.72 -7.38 -6.45
C ALA A 301 16.68 -7.38 -4.92
N GLU A 302 16.28 -6.24 -4.35
CA GLU A 302 16.44 -6.06 -2.91
C GLU A 302 15.48 -6.96 -2.14
N ALA A 303 14.24 -7.13 -2.65
CA ALA A 303 13.28 -8.04 -2.01
C ALA A 303 13.83 -9.45 -1.88
N ASP A 304 14.84 -9.82 -2.69
CA ASP A 304 15.46 -11.14 -2.65
C ASP A 304 16.85 -11.16 -2.05
N MET A 305 17.39 -10.00 -1.67
CA MET A 305 18.76 -9.90 -1.18
C MET A 305 19.06 -10.88 -0.04
N ALA A 306 18.22 -10.88 1.00
CA ALA A 306 18.51 -11.72 2.17
C ALA A 306 18.39 -13.21 1.87
N THR A 307 17.62 -13.57 0.85
CA THR A 307 17.41 -14.97 0.48
C THR A 307 18.59 -15.56 -0.30
N MET A 308 19.33 -14.75 -1.03
CA MET A 308 20.47 -15.27 -1.78
C MET A 308 21.42 -16.02 -0.84
N GLU A 309 22.05 -17.06 -1.38
CA GLU A 309 22.98 -17.83 -0.58
C GLU A 309 24.29 -17.05 -0.39
N LYS A 310 24.73 -16.96 0.86
CA LYS A 310 25.91 -16.18 1.16
C LYS A 310 27.17 -17.01 0.89
N LYS A 311 28.14 -16.38 0.24
CA LYS A 311 29.35 -17.09 -0.20
C LYS A 311 30.54 -16.16 0.01
N GLY A 312 31.72 -16.76 0.16
CA GLY A 312 32.92 -15.99 0.38
C GLY A 312 34.16 -16.76 -0.02
N VAL A 313 35.28 -16.04 -0.04
CA VAL A 313 36.55 -16.65 -0.42
C VAL A 313 37.65 -16.04 0.45
N PRO A 314 38.56 -16.83 1.00
CA PRO A 314 39.62 -16.23 1.83
C PRO A 314 40.60 -15.49 0.93
N THR A 315 41.19 -14.43 1.47
CA THR A 315 42.15 -13.64 0.70
C THR A 315 43.61 -13.89 1.06
N GLY A 316 43.89 -14.51 2.21
CA GLY A 316 45.26 -14.58 2.66
C GLY A 316 45.83 -13.26 3.15
N ARG A 317 45.01 -12.25 3.39
CA ARG A 317 45.45 -11.00 4.02
C ARG A 317 44.84 -10.90 5.42
N TYR A 318 45.57 -10.24 6.33
CA TYR A 318 45.16 -10.20 7.73
C TYR A 318 45.12 -8.76 8.23
N VAL A 319 44.16 -8.50 9.12
CA VAL A 319 44.05 -7.24 9.84
C VAL A 319 44.12 -7.55 11.35
N VAL A 320 44.28 -6.50 12.15
CA VAL A 320 44.48 -6.65 13.59
C VAL A 320 43.35 -5.98 14.34
N ASN A 321 42.62 -6.75 15.12
CA ASN A 321 41.56 -6.26 15.99
C ASN A 321 42.14 -5.27 17.00
N PRO A 322 41.60 -4.04 17.09
CA PRO A 322 42.26 -3.01 17.91
C PRO A 322 41.98 -3.12 19.40
N LEU A 323 41.08 -4.00 19.84
CA LEU A 323 40.86 -4.18 21.26
C LEU A 323 41.64 -5.35 21.88
N ASN A 324 41.98 -6.39 21.10
CA ASN A 324 42.70 -7.52 21.66
C ASN A 324 43.94 -7.93 20.87
N GLY A 325 44.25 -7.23 19.77
CA GLY A 325 45.41 -7.57 18.97
C GLY A 325 45.34 -8.92 18.30
N ASP A 326 44.15 -9.44 18.02
CA ASP A 326 44.02 -10.70 17.29
C ASP A 326 44.12 -10.44 15.80
N LYS A 327 44.81 -11.33 15.10
CA LYS A 327 44.97 -11.22 13.64
C LYS A 327 43.84 -12.00 12.97
N LEU A 328 42.99 -11.29 12.25
CA LEU A 328 41.84 -11.91 11.60
C LEU A 328 42.05 -11.97 10.09
N GLU A 329 41.65 -13.08 9.48
CA GLU A 329 41.72 -13.19 8.03
C GLU A 329 40.62 -12.38 7.37
N VAL A 330 40.97 -11.76 6.25
CA VAL A 330 40.05 -11.00 5.42
C VAL A 330 39.47 -11.93 4.37
N TRP A 331 38.15 -11.95 4.27
CA TRP A 331 37.40 -12.73 3.30
C TRP A 331 36.68 -11.79 2.35
N ILE A 332 36.64 -12.10 1.06
CA ILE A 332 35.69 -11.44 0.17
C ILE A 332 34.37 -12.19 0.26
N ALA A 333 33.29 -11.44 0.45
CA ALA A 333 31.97 -12.05 0.61
C ALA A 333 30.96 -11.38 -0.33
N ASN A 334 29.93 -12.13 -0.71
CA ASN A 334 28.97 -11.62 -1.68
C ASN A 334 27.84 -10.82 -1.04
N TYR A 335 27.68 -10.87 0.27
CA TYR A 335 26.64 -10.10 0.92
C TYR A 335 27.12 -8.72 1.37
N VAL A 336 28.40 -8.40 1.19
CA VAL A 336 28.92 -7.08 1.52
C VAL A 336 28.87 -6.21 0.27
N LEU A 337 28.14 -5.11 0.33
CA LEU A 337 27.83 -4.31 -0.86
C LEU A 337 28.63 -3.02 -0.85
N TRP A 338 29.45 -2.82 -1.87
CA TRP A 338 30.14 -1.56 -2.06
C TRP A 338 29.14 -0.42 -2.08
N GLY A 339 29.46 0.67 -1.39
CA GLY A 339 28.55 1.79 -1.28
C GLY A 339 27.70 1.77 -0.02
N TYR A 340 27.57 0.63 0.66
CA TYR A 340 26.94 0.57 1.98
C TYR A 340 28.03 0.68 3.05
N GLY A 341 28.07 1.82 3.74
CA GLY A 341 29.08 2.01 4.76
C GLY A 341 30.45 2.07 4.11
N ASP A 342 31.38 1.31 4.66
CA ASP A 342 32.72 1.21 4.11
C ASP A 342 32.88 0.04 3.16
N GLY A 343 31.81 -0.71 2.87
CA GLY A 343 31.96 -1.87 2.04
C GLY A 343 32.79 -2.97 2.69
N ALA A 344 32.78 -3.01 4.02
CA ALA A 344 33.53 -3.98 4.80
C ALA A 344 32.84 -4.10 6.14
N VAL A 345 32.84 -5.31 6.69
CA VAL A 345 32.19 -5.60 7.95
C VAL A 345 33.08 -6.53 8.78
N MET A 346 32.83 -6.58 10.08
CA MET A 346 33.40 -7.61 10.93
C MET A 346 32.36 -8.72 11.11
N ALA A 347 32.81 -9.87 11.59
CA ALA A 347 31.93 -11.02 11.69
C ALA A 347 32.06 -11.67 13.07
N VAL A 348 30.95 -11.83 13.75
CA VAL A 348 30.90 -12.48 15.06
C VAL A 348 29.95 -13.68 15.02
N PRO A 349 30.42 -14.86 14.63
CA PRO A 349 29.49 -15.99 14.43
C PRO A 349 28.72 -16.43 15.67
N ALA A 350 29.19 -16.11 16.87
CA ALA A 350 28.46 -16.50 18.07
C ALA A 350 27.17 -15.67 18.30
N HIS A 351 27.03 -14.48 17.68
CA HIS A 351 25.92 -13.62 18.07
C HIS A 351 25.22 -12.92 16.90
N ASP A 352 25.54 -13.28 15.67
CA ASP A 352 24.83 -12.85 14.49
C ASP A 352 24.58 -14.08 13.65
N GLU A 353 23.33 -14.29 13.25
CA GLU A 353 22.97 -15.59 12.68
C GLU A 353 23.52 -15.76 11.26
N ARG A 354 23.56 -14.68 10.47
CA ARG A 354 24.22 -14.79 9.18
C ARG A 354 25.69 -15.16 9.34
N ASP A 355 26.36 -14.55 10.32
CA ASP A 355 27.74 -14.91 10.61
C ASP A 355 27.84 -16.34 11.10
N PHE A 356 26.84 -16.81 11.87
CA PHE A 356 26.83 -18.20 12.30
C PHE A 356 26.75 -19.15 11.10
N GLU A 357 25.78 -18.92 10.19
CA GLU A 357 25.63 -19.83 9.05
C GLU A 357 26.86 -19.79 8.14
N PHE A 358 27.44 -18.60 7.99
CA PHE A 358 28.64 -18.43 7.19
C PHE A 358 29.82 -19.18 7.80
N ALA A 359 30.09 -18.94 9.09
CA ALA A 359 31.18 -19.62 9.75
C ALA A 359 30.97 -21.12 9.82
N ALA A 360 29.71 -21.56 9.91
CA ALA A 360 29.43 -23.00 9.89
C ALA A 360 29.73 -23.59 8.52
N LYS A 361 29.55 -22.81 7.45
CA LYS A 361 29.82 -23.31 6.11
C LYS A 361 31.31 -23.56 5.93
N TYR A 362 32.13 -22.60 6.35
CA TYR A 362 33.56 -22.62 6.10
C TYR A 362 34.36 -23.06 7.31
N ASN A 363 33.69 -23.56 8.35
CA ASN A 363 34.37 -24.00 9.57
C ASN A 363 35.21 -22.88 10.17
N LEU A 364 34.70 -21.66 10.09
CA LEU A 364 35.42 -20.57 10.71
C LEU A 364 35.07 -20.51 12.19
N PRO A 365 35.98 -19.99 13.01
CA PRO A 365 35.82 -20.13 14.47
C PRO A 365 34.72 -19.24 15.03
N LYS A 366 34.16 -19.68 16.16
CA LYS A 366 33.12 -18.95 16.88
C LYS A 366 33.57 -18.73 18.32
N LYS A 367 33.57 -17.46 18.75
CA LYS A 367 33.93 -17.09 20.11
C LYS A 367 32.71 -16.46 20.77
N GLN A 368 32.25 -17.08 21.85
CA GLN A 368 31.17 -16.51 22.64
C GLN A 368 31.70 -15.32 23.42
N VAL A 369 30.94 -14.21 23.40
CA VAL A 369 31.24 -13.05 24.22
C VAL A 369 30.02 -12.54 24.96
N ILE A 370 28.84 -13.11 24.73
CA ILE A 370 27.61 -12.67 25.34
C ILE A 370 27.01 -13.87 26.05
N ALA A 371 26.61 -13.67 27.31
CA ALA A 371 25.84 -14.63 28.09
C ALA A 371 24.45 -14.05 28.39
N VAL A 372 23.45 -14.93 28.41
CA VAL A 372 22.10 -14.57 28.84
C VAL A 372 21.66 -15.66 29.80
N GLY A 373 21.67 -15.35 31.10
CA GLY A 373 21.36 -16.25 32.18
C GLY A 373 22.30 -17.44 32.24
N ASP A 374 21.80 -18.53 32.83
CA ASP A 374 22.51 -19.81 32.86
C ASP A 374 22.24 -20.65 31.61
N ASN A 375 22.08 -20.00 30.45
CA ASN A 375 21.83 -20.70 29.20
C ASN A 375 23.12 -21.27 28.63
N ALA A 376 23.08 -22.55 28.29
CA ALA A 376 24.26 -23.18 27.70
C ALA A 376 24.48 -22.68 26.28
N PHE A 377 25.74 -22.54 25.91
CA PHE A 377 26.15 -22.12 24.58
C PHE A 377 26.65 -23.32 23.80
N ASP A 378 25.97 -23.66 22.72
CA ASP A 378 26.41 -24.71 21.82
C ASP A 378 27.00 -24.07 20.57
N ALA A 379 28.28 -24.31 20.31
CA ALA A 379 28.90 -23.70 19.14
C ALA A 379 28.45 -24.32 17.83
N ASN A 380 27.64 -25.39 17.84
CA ASN A 380 27.22 -26.08 16.64
C ASN A 380 25.76 -25.88 16.28
N ARG A 381 24.93 -25.46 17.23
CA ARG A 381 23.53 -25.15 16.97
C ARG A 381 23.24 -23.69 17.35
N TRP A 382 22.46 -23.00 16.52
CA TRP A 382 22.09 -21.61 16.79
C TRP A 382 20.84 -21.57 17.66
N GLN A 383 20.92 -20.84 18.77
CA GLN A 383 19.79 -20.53 19.63
C GLN A 383 19.48 -19.05 19.52
N GLU A 384 18.18 -18.70 19.65
CA GLU A 384 17.78 -17.32 19.38
C GLU A 384 18.44 -16.33 20.34
N TRP A 385 18.68 -16.74 21.59
CA TRP A 385 19.25 -15.82 22.57
C TRP A 385 20.67 -15.40 22.23
N TYR A 386 21.34 -16.09 21.30
CA TYR A 386 22.67 -15.67 20.87
C TYR A 386 22.67 -14.21 20.44
N GLY A 387 21.56 -13.77 19.81
CA GLY A 387 21.40 -12.44 19.30
C GLY A 387 20.78 -11.45 20.25
N ASP A 388 20.51 -11.85 21.49
CA ASP A 388 19.85 -10.99 22.46
C ASP A 388 20.74 -9.81 22.84
N LYS A 389 20.19 -8.59 22.75
CA LYS A 389 20.88 -7.37 23.12
C LYS A 389 20.41 -6.79 24.45
N GLU A 390 19.15 -7.00 24.82
CA GLU A 390 18.59 -6.34 25.99
C GLU A 390 18.92 -7.04 27.30
N ASN A 391 19.24 -8.34 27.27
CA ASN A 391 19.35 -9.12 28.50
C ASN A 391 20.67 -9.86 28.60
N GLY A 392 21.67 -9.48 27.81
CA GLY A 392 22.94 -10.15 27.84
C GLY A 392 23.98 -9.42 28.67
N VAL A 393 25.02 -10.16 29.04
CA VAL A 393 26.15 -9.62 29.77
C VAL A 393 27.42 -10.15 29.10
N LEU A 394 28.45 -9.32 29.09
CA LEU A 394 29.66 -9.66 28.34
C LEU A 394 30.49 -10.70 29.09
N VAL A 395 31.07 -11.63 28.32
CA VAL A 395 31.96 -12.66 28.83
C VAL A 395 33.09 -12.83 27.82
N ASN A 396 34.23 -13.34 28.29
CA ASN A 396 35.40 -13.59 27.45
C ASN A 396 35.89 -12.31 26.77
N SER A 397 35.80 -11.20 27.49
CA SER A 397 36.15 -9.92 26.88
C SER A 397 37.01 -9.06 27.82
N GLY A 398 37.86 -9.69 28.62
CA GLY A 398 38.81 -8.99 29.47
C GLY A 398 38.20 -7.88 30.28
N ASP A 399 38.55 -6.63 29.95
CA ASP A 399 38.11 -5.45 30.70
C ASP A 399 36.60 -5.30 30.71
N LEU A 400 35.90 -5.88 29.75
CA LEU A 400 34.50 -5.57 29.51
C LEU A 400 33.55 -6.60 30.11
N ASP A 401 34.06 -7.64 30.75
CA ASP A 401 33.19 -8.66 31.29
C ASP A 401 32.24 -8.05 32.31
N GLY A 402 30.97 -8.47 32.26
CA GLY A 402 29.95 -7.99 33.19
C GLY A 402 29.06 -6.89 32.64
N LEU A 403 29.51 -6.14 31.64
CA LEU A 403 28.74 -5.01 31.15
C LEU A 403 27.55 -5.50 30.33
N ASP A 404 26.47 -4.73 30.39
CA ASP A 404 25.32 -4.97 29.54
C ASP A 404 25.60 -4.34 28.18
N PHE A 405 24.61 -4.35 27.29
CA PHE A 405 24.83 -3.84 25.93
C PHE A 405 25.25 -2.38 25.94
N GLN A 406 24.44 -1.50 26.56
CA GLN A 406 24.65 -0.08 26.36
C GLN A 406 25.89 0.44 27.08
N THR A 407 26.23 -0.13 28.25
CA THR A 407 27.44 0.31 28.93
C THR A 407 28.69 -0.14 28.18
N ALA A 408 28.67 -1.36 27.63
CA ALA A 408 29.81 -1.88 26.89
C ALA A 408 30.02 -1.13 25.58
N PHE A 409 28.92 -0.78 24.88
CA PHE A 409 29.00 0.05 23.69
C PHE A 409 29.77 1.33 23.98
N ASP A 410 29.40 2.00 25.08
CA ASP A 410 30.09 3.24 25.44
C ASP A 410 31.54 2.98 25.83
N ALA A 411 31.80 1.88 26.53
CA ALA A 411 33.16 1.58 26.96
C ALA A 411 34.05 1.34 25.74
N VAL A 412 33.56 0.53 24.79
CA VAL A 412 34.27 0.30 23.54
C VAL A 412 34.52 1.62 22.81
N ALA A 413 33.50 2.48 22.74
CA ALA A 413 33.64 3.77 22.06
C ALA A 413 34.78 4.59 22.67
N ALA A 414 34.81 4.67 24.00
CA ALA A 414 35.86 5.39 24.70
C ALA A 414 37.22 4.74 24.45
N LYS A 415 37.28 3.40 24.54
CA LYS A 415 38.51 2.69 24.21
C LYS A 415 38.98 2.99 22.80
N LEU A 416 38.07 2.89 21.82
CA LEU A 416 38.49 3.07 20.43
C LEU A 416 38.87 4.52 20.16
N GLN A 417 38.14 5.47 20.75
CA GLN A 417 38.43 6.87 20.50
C GLN A 417 39.77 7.27 21.12
N SER A 418 40.02 6.92 22.38
CA SER A 418 41.32 7.16 22.99
C SER A 418 42.44 6.67 22.09
N GLN A 419 42.23 5.53 21.42
CA GLN A 419 43.24 4.90 20.61
C GLN A 419 43.36 5.49 19.21
N GLY A 420 42.42 6.33 18.79
CA GLY A 420 42.28 6.73 17.41
C GLY A 420 41.64 5.72 16.47
N ALA A 421 41.05 4.63 16.99
CA ALA A 421 40.68 3.46 16.20
C ALA A 421 39.20 3.35 15.85
N GLY A 422 38.37 4.27 16.32
CA GLY A 422 36.95 4.20 16.01
C GLY A 422 36.21 5.29 16.72
N GLU A 423 34.90 5.36 16.43
CA GLU A 423 34.01 6.43 16.88
C GLU A 423 32.57 6.04 16.59
N PRO A 424 31.62 6.48 17.41
CA PRO A 424 30.21 6.20 17.11
C PRO A 424 29.80 6.72 15.76
N LYS A 425 28.77 6.09 15.19
CA LYS A 425 28.43 6.38 13.80
C LYS A 425 27.00 5.92 13.55
N THR A 426 26.23 6.77 12.89
CA THR A 426 24.84 6.48 12.52
C THR A 426 24.77 6.19 11.02
N GLN A 427 24.08 5.10 10.66
CA GLN A 427 23.95 4.71 9.26
C GLN A 427 22.49 4.45 8.92
N TYR A 428 22.20 4.49 7.62
CA TYR A 428 20.86 4.23 7.07
C TYR A 428 20.97 3.31 5.86
N ARG A 429 20.18 2.24 5.83
CA ARG A 429 20.12 1.38 4.64
C ARG A 429 19.58 2.13 3.42
N LEU A 430 18.81 3.20 3.64
CA LEU A 430 18.13 3.90 2.56
C LEU A 430 19.12 4.46 1.55
N ARG A 431 18.86 4.19 0.27
CA ARG A 431 19.61 4.73 -0.86
C ARG A 431 18.92 5.96 -1.41
N ASP A 432 19.69 6.81 -2.08
CA ASP A 432 19.04 7.89 -2.79
C ASP A 432 18.16 7.32 -3.91
N TRP A 433 17.17 8.11 -4.32
CA TRP A 433 16.13 7.66 -5.24
C TRP A 433 16.51 8.02 -6.68
N GLY A 434 16.80 6.99 -7.49
CA GLY A 434 17.09 7.19 -8.91
C GLY A 434 15.84 7.35 -9.76
N ILE A 435 15.71 8.47 -10.46
CA ILE A 435 14.47 8.81 -11.16
C ILE A 435 14.59 8.75 -12.67
N SER A 436 15.78 8.46 -13.21
CA SER A 436 16.00 8.42 -14.65
C SER A 436 15.46 7.11 -15.21
N ARG A 437 14.68 7.20 -16.28
CA ARG A 437 14.22 6.05 -17.03
C ARG A 437 14.58 6.25 -18.50
N GLN A 438 15.01 5.17 -19.13
CA GLN A 438 15.36 5.16 -20.55
C GLN A 438 14.15 4.69 -21.37
N ARG A 439 13.04 5.43 -21.22
CA ARG A 439 11.73 5.11 -21.76
C ARG A 439 11.12 6.32 -22.44
N TYR A 440 10.27 6.08 -23.44
CA TYR A 440 9.62 7.20 -24.12
C TYR A 440 8.41 7.72 -23.33
N TRP A 441 7.54 6.81 -22.86
CA TRP A 441 6.20 7.20 -22.42
C TRP A 441 6.24 7.59 -20.93
N GLY A 442 6.67 8.81 -20.71
CA GLY A 442 6.97 9.31 -19.38
C GLY A 442 7.29 10.79 -19.48
N CYS A 443 7.37 11.41 -18.33
CA CYS A 443 7.48 12.86 -18.26
C CYS A 443 8.93 13.26 -18.58
N PRO A 444 9.16 14.16 -19.55
CA PRO A 444 10.53 14.56 -19.88
C PRO A 444 11.24 15.23 -18.71
N ILE A 445 12.54 14.96 -18.59
CA ILE A 445 13.35 15.58 -17.55
C ILE A 445 13.78 16.97 -18.00
N PRO A 446 13.42 18.04 -17.27
CA PRO A 446 13.59 19.44 -17.72
C PRO A 446 15.02 19.95 -17.59
N ILE A 447 15.94 19.30 -18.30
CA ILE A 447 17.35 19.64 -18.33
C ILE A 447 17.77 19.83 -19.78
N VAL A 448 18.63 20.82 -20.03
CA VAL A 448 19.30 20.98 -21.31
C VAL A 448 20.80 20.89 -21.08
N HIS A 449 21.49 20.12 -21.94
CA HIS A 449 22.94 19.92 -21.85
C HIS A 449 23.67 20.84 -22.82
N CYS A 450 24.60 21.63 -22.31
CA CYS A 450 25.33 22.62 -23.09
C CYS A 450 26.80 22.49 -22.74
N GLU A 451 27.66 22.57 -23.75
CA GLU A 451 29.08 22.36 -23.49
C GLU A 451 29.73 23.56 -22.84
N LYS A 452 29.09 24.73 -22.89
CA LYS A 452 29.59 25.86 -22.15
C LYS A 452 29.02 25.89 -20.73
N CYS A 453 27.70 25.71 -20.59
CA CYS A 453 27.03 25.98 -19.31
C CYS A 453 26.80 24.74 -18.47
N GLY A 454 26.91 23.53 -19.05
CA GLY A 454 26.67 22.30 -18.32
C GLY A 454 25.25 21.78 -18.40
N ASN A 455 24.79 21.09 -17.37
CA ASN A 455 23.41 20.59 -17.31
C ASN A 455 22.56 21.70 -16.73
N VAL A 456 21.74 22.31 -17.57
CA VAL A 456 21.03 23.50 -17.14
C VAL A 456 19.55 23.21 -17.00
N PRO A 457 18.90 23.69 -15.94
CA PRO A 457 17.46 23.51 -15.84
C PRO A 457 16.71 24.42 -16.79
N VAL A 458 15.64 23.90 -17.36
CA VAL A 458 14.73 24.72 -18.18
C VAL A 458 14.07 25.77 -17.29
N PRO A 459 14.12 27.06 -17.65
CA PRO A 459 13.51 28.08 -16.78
C PRO A 459 12.00 27.90 -16.67
N ALA A 460 11.42 28.48 -15.62
CA ALA A 460 10.00 28.26 -15.32
C ALA A 460 9.09 28.72 -16.45
N ASP A 461 9.41 29.87 -17.08
CA ASP A 461 8.60 30.38 -18.19
C ASP A 461 8.53 29.44 -19.39
N GLN A 462 9.46 28.49 -19.53
CA GLN A 462 9.50 27.60 -20.69
C GLN A 462 8.96 26.22 -20.39
N LEU A 463 8.36 26.00 -19.17
CA LEU A 463 7.72 24.73 -18.84
C LEU A 463 6.25 24.75 -19.24
N PRO A 464 5.70 23.61 -19.67
CA PRO A 464 6.38 22.31 -19.70
C PRO A 464 7.38 22.11 -20.86
N VAL A 465 8.32 21.19 -20.67
CA VAL A 465 8.97 20.51 -21.80
C VAL A 465 8.00 19.44 -22.27
N VAL A 466 7.45 19.58 -23.48
CA VAL A 466 6.33 18.75 -23.90
C VAL A 466 6.82 17.45 -24.50
N LEU A 467 6.33 16.33 -23.96
CA LEU A 467 6.57 15.06 -24.62
C LEU A 467 5.73 14.99 -25.88
N PRO A 468 6.31 14.73 -27.04
CA PRO A 468 5.50 14.66 -28.26
C PRO A 468 4.66 13.39 -28.28
N GLU A 469 3.36 13.56 -28.47
CA GLU A 469 2.44 12.42 -28.49
C GLU A 469 2.44 11.67 -29.81
N ASN A 470 3.09 12.22 -30.83
CA ASN A 470 3.06 11.65 -32.17
C ASN A 470 4.27 10.72 -32.36
N VAL A 471 4.23 9.58 -31.68
CA VAL A 471 5.36 8.64 -31.60
C VAL A 471 4.79 7.24 -31.51
N VAL A 472 5.46 6.30 -32.18
CA VAL A 472 5.14 4.88 -32.06
C VAL A 472 6.41 4.09 -31.75
N PRO A 473 6.66 3.74 -30.50
CA PRO A 473 7.89 3.00 -30.16
C PRO A 473 8.06 1.75 -31.01
N ASP A 474 9.29 1.54 -31.52
CA ASP A 474 9.55 0.41 -32.40
C ASP A 474 10.37 -0.72 -31.75
N GLY A 475 10.83 -0.54 -30.52
CA GLY A 475 11.58 -1.59 -29.86
C GLY A 475 13.06 -1.32 -29.79
N MET A 476 13.64 -0.92 -30.92
CA MET A 476 15.08 -0.70 -31.08
C MET A 476 15.60 0.54 -30.34
N GLY A 477 15.33 0.67 -29.05
CA GLY A 477 15.86 1.78 -28.29
C GLY A 477 14.81 2.85 -28.02
N SER A 478 15.08 3.67 -26.99
CA SER A 478 14.15 4.72 -26.58
C SER A 478 13.94 5.71 -27.72
N PRO A 479 12.69 6.02 -28.09
CA PRO A 479 12.43 6.93 -29.22
C PRO A 479 13.06 8.31 -29.08
N LEU A 480 13.12 8.85 -27.87
CA LEU A 480 13.51 10.24 -27.71
C LEU A 480 14.94 10.49 -28.14
N ALA A 481 15.82 9.50 -27.89
CA ALA A 481 17.19 9.60 -28.35
C ALA A 481 17.32 9.56 -29.86
N LYS A 482 16.26 9.19 -30.59
CA LYS A 482 16.33 9.07 -32.04
C LYS A 482 15.58 10.20 -32.73
N MET A 483 15.20 11.24 -31.98
CA MET A 483 14.36 12.34 -32.47
C MET A 483 15.09 13.66 -32.29
N PRO A 484 15.94 14.02 -33.23
CA PRO A 484 16.60 15.34 -33.15
C PRO A 484 15.60 16.49 -33.11
N GLU A 485 14.43 16.34 -33.72
CA GLU A 485 13.42 17.39 -33.66
C GLU A 485 13.00 17.69 -32.22
N PHE A 486 13.22 16.75 -31.31
CA PHE A 486 12.92 16.97 -29.91
C PHE A 486 14.15 17.42 -29.12
N TYR A 487 15.32 16.77 -29.31
CA TYR A 487 16.41 17.05 -28.38
C TYR A 487 17.34 18.17 -28.85
N GLU A 488 17.38 18.47 -30.16
CA GLU A 488 18.18 19.59 -30.63
C GLU A 488 17.51 20.90 -30.24
N THR A 489 18.23 21.72 -29.47
CA THR A 489 17.67 22.98 -29.01
C THR A 489 18.80 24.00 -28.84
N SER A 490 18.48 25.13 -28.22
CA SER A 490 19.43 26.16 -27.85
C SER A 490 19.54 26.20 -26.32
N CYS A 491 20.72 26.54 -25.82
CA CYS A 491 20.90 26.62 -24.39
C CYS A 491 20.15 27.83 -23.82
N PRO A 492 19.34 27.66 -22.78
CA PRO A 492 18.59 28.80 -22.21
C PRO A 492 19.44 29.77 -21.43
N CYS A 493 20.72 29.49 -21.21
CA CYS A 493 21.58 30.42 -20.52
C CYS A 493 22.44 31.23 -21.48
N CYS A 494 22.94 30.61 -22.55
CA CYS A 494 23.85 31.27 -23.45
C CYS A 494 23.37 31.31 -24.89
N GLY A 495 22.27 30.63 -25.23
CA GLY A 495 21.74 30.64 -26.58
C GLY A 495 22.39 29.69 -27.57
N GLY A 496 23.47 29.01 -27.19
CA GLY A 496 24.20 28.20 -28.14
C GLY A 496 23.63 26.80 -28.32
N ALA A 497 24.28 26.05 -29.20
CA ALA A 497 23.82 24.71 -29.54
C ALA A 497 23.82 23.81 -28.30
N ALA A 498 22.76 23.03 -28.16
CA ALA A 498 22.56 22.32 -26.92
C ALA A 498 21.56 21.22 -27.17
N LYS A 499 21.50 20.27 -26.22
CA LYS A 499 20.69 19.06 -26.35
C LYS A 499 19.85 18.85 -25.12
N ARG A 500 18.54 18.66 -25.33
CA ARG A 500 17.65 18.28 -24.24
C ARG A 500 18.08 16.92 -23.68
N GLU A 501 17.78 16.74 -22.39
CA GLU A 501 17.82 15.41 -21.80
C GLU A 501 16.77 14.51 -22.44
N THR A 502 17.16 13.27 -22.74
CA THR A 502 16.23 12.32 -23.35
C THR A 502 15.66 11.31 -22.36
N ASP A 503 16.21 11.18 -21.16
CA ASP A 503 15.61 10.29 -20.17
C ASP A 503 14.32 10.92 -19.66
N THR A 504 13.34 10.09 -19.37
CA THR A 504 12.13 10.54 -18.70
C THR A 504 12.18 10.14 -17.21
N MET A 505 11.17 10.59 -16.47
CA MET A 505 11.10 10.41 -15.02
C MET A 505 10.46 9.07 -14.64
N ASP A 506 10.97 8.50 -13.55
CA ASP A 506 10.30 7.44 -12.82
C ASP A 506 8.82 7.78 -12.65
N THR A 507 7.93 6.84 -13.01
CA THR A 507 6.49 7.14 -12.95
C THR A 507 5.96 7.21 -11.52
N PHE A 508 6.69 6.67 -10.55
CA PHE A 508 6.38 6.97 -9.16
C PHE A 508 6.31 8.46 -8.87
N ILE A 509 6.91 9.31 -9.72
CA ILE A 509 6.89 10.74 -9.44
C ILE A 509 5.47 11.30 -9.55
N GLU A 510 4.71 10.91 -10.57
CA GLU A 510 3.34 11.42 -10.74
C GLU A 510 2.45 11.04 -9.55
N SER A 511 2.61 9.82 -9.03
CA SER A 511 1.76 9.35 -7.93
C SER A 511 2.23 9.82 -6.56
N SER A 512 3.33 10.60 -6.49
CA SER A 512 3.82 11.10 -5.22
C SER A 512 3.21 12.44 -4.83
N TRP A 513 2.40 13.05 -5.69
CA TRP A 513 1.82 14.35 -5.35
C TRP A 513 0.41 14.57 -5.91
N TYR A 514 -0.19 13.59 -6.57
CA TYR A 514 -1.46 13.82 -7.25
C TYR A 514 -2.59 14.15 -6.28
N PHE A 515 -2.54 13.60 -5.05
CA PHE A 515 -3.54 13.91 -4.03
C PHE A 515 -3.56 15.40 -3.68
N PHE A 516 -2.43 16.10 -3.86
CA PHE A 516 -2.46 17.56 -3.73
C PHE A 516 -3.03 18.22 -4.97
N ARG A 517 -2.69 17.70 -6.16
CA ARG A 517 -3.20 18.33 -7.39
C ARG A 517 -4.73 18.30 -7.43
N TYR A 518 -5.35 17.20 -7.02
CA TYR A 518 -6.80 17.11 -6.90
C TYR A 518 -7.42 18.29 -6.14
N MET A 519 -6.65 18.96 -5.27
CA MET A 519 -7.23 20.07 -4.51
C MET A 519 -7.48 21.29 -5.40
N SER A 520 -6.63 21.52 -6.40
CA SER A 520 -6.85 22.59 -7.41
C SER A 520 -6.36 22.11 -8.77
N PRO A 521 -7.11 21.21 -9.41
CA PRO A 521 -6.61 20.54 -10.61
C PRO A 521 -6.52 21.44 -11.84
N LYS A 522 -7.15 22.60 -11.84
CA LYS A 522 -7.02 23.52 -12.97
C LYS A 522 -6.17 24.74 -12.62
N PHE A 523 -5.55 24.75 -11.45
CA PHE A 523 -4.68 25.84 -11.06
C PHE A 523 -3.47 25.89 -11.99
N SER A 524 -3.23 27.03 -12.61
CA SER A 524 -2.15 27.15 -13.58
C SER A 524 -1.01 28.03 -13.09
N ASP A 525 -1.00 28.40 -11.82
CA ASP A 525 0.06 29.22 -11.26
C ASP A 525 0.90 28.48 -10.24
N GLY A 526 0.78 27.16 -10.14
CA GLY A 526 1.54 26.45 -9.13
C GLY A 526 1.06 25.02 -9.03
N MET A 527 1.80 24.27 -8.22
CA MET A 527 1.47 22.87 -8.01
C MET A 527 0.07 22.69 -7.45
N VAL A 528 -0.28 23.49 -6.43
CA VAL A 528 -1.60 23.47 -5.80
C VAL A 528 -1.86 24.86 -5.25
N SER A 529 -3.07 25.37 -5.46
CA SER A 529 -3.39 26.71 -4.99
C SER A 529 -3.32 26.75 -3.46
N ALA A 530 -2.83 27.87 -2.94
CA ALA A 530 -2.64 28.00 -1.50
C ALA A 530 -3.97 27.96 -0.75
N GLU A 531 -5.01 28.57 -1.33
CA GLU A 531 -6.30 28.58 -0.65
C GLU A 531 -6.86 27.17 -0.53
N SER A 532 -6.72 26.39 -1.60
CA SER A 532 -7.33 25.07 -1.57
C SER A 532 -6.48 24.07 -0.76
N ALA A 533 -5.17 24.29 -0.67
CA ALA A 533 -4.37 23.46 0.21
C ALA A 533 -4.70 23.75 1.67
N LYS A 534 -4.95 25.03 2.01
CA LYS A 534 -5.30 25.36 3.38
C LYS A 534 -6.60 24.69 3.80
N TYR A 535 -7.56 24.60 2.88
CA TYR A 535 -8.88 24.08 3.23
C TYR A 535 -8.85 22.56 3.38
N TRP A 536 -8.38 21.87 2.35
CA TRP A 536 -8.44 20.40 2.35
C TRP A 536 -7.34 19.78 3.22
N GLY A 537 -6.21 20.48 3.40
CA GLY A 537 -5.18 19.99 4.29
C GLY A 537 -4.51 18.70 3.87
N ALA A 538 -4.85 17.60 4.53
CA ALA A 538 -4.32 16.28 4.21
C ALA A 538 -5.46 15.35 3.80
N VAL A 539 -5.10 14.20 3.22
CA VAL A 539 -6.09 13.16 2.94
C VAL A 539 -6.51 12.51 4.25
N ASP A 540 -7.82 12.47 4.48
CA ASP A 540 -8.32 11.89 5.74
C ASP A 540 -8.27 10.36 5.72
N GLN A 541 -8.60 9.76 4.59
CA GLN A 541 -8.65 8.31 4.42
C GLN A 541 -8.10 7.94 3.05
N TYR A 542 -7.08 7.09 3.03
CA TYR A 542 -6.45 6.57 1.82
C TYR A 542 -6.72 5.07 1.77
N ILE A 543 -7.04 4.55 0.58
CA ILE A 543 -7.38 3.15 0.41
C ILE A 543 -6.57 2.61 -0.76
N GLY A 544 -5.89 1.48 -0.56
CA GLY A 544 -5.13 0.93 -1.66
C GLY A 544 -4.53 -0.42 -1.32
N GLY A 545 -3.92 -1.02 -2.34
CA GLY A 545 -3.32 -2.34 -2.18
C GLY A 545 -2.01 -2.33 -1.40
N ILE A 546 -1.70 -3.48 -0.79
CA ILE A 546 -0.54 -3.59 0.09
C ILE A 546 0.79 -3.55 -0.65
N GLU A 547 0.81 -3.88 -1.94
CA GLU A 547 2.05 -3.83 -2.72
C GLU A 547 2.64 -2.42 -2.81
N HIS A 548 1.89 -1.38 -2.43
CA HIS A 548 2.36 -0.01 -2.44
C HIS A 548 2.76 0.51 -1.04
N ALA A 549 2.99 -0.40 -0.09
CA ALA A 549 3.22 0.00 1.31
C ALA A 549 4.60 0.59 1.55
N ILE A 550 5.56 0.34 0.67
CA ILE A 550 6.92 0.78 0.90
C ILE A 550 7.26 1.93 -0.04
N LEU A 551 7.39 1.64 -1.35
CA LEU A 551 7.89 2.64 -2.27
C LEU A 551 6.93 3.82 -2.40
N HIS A 552 5.71 3.55 -2.87
CA HIS A 552 4.80 4.65 -3.16
C HIS A 552 4.51 5.51 -1.92
N LEU A 553 4.26 4.86 -0.78
CA LEU A 553 3.99 5.60 0.44
C LEU A 553 5.19 6.44 0.87
N LEU A 554 6.38 5.85 0.88
CA LEU A 554 7.56 6.61 1.23
C LEU A 554 7.74 7.82 0.31
N TYR A 555 7.62 7.60 -0.99
CA TYR A 555 7.79 8.67 -1.98
C TYR A 555 6.78 9.80 -1.73
N ALA A 556 5.50 9.42 -1.52
CA ALA A 556 4.48 10.42 -1.24
C ALA A 556 4.81 11.22 0.01
N ARG A 557 5.30 10.56 1.06
CA ARG A 557 5.60 11.26 2.30
C ARG A 557 6.77 12.21 2.09
N PHE A 558 7.79 11.74 1.36
CA PHE A 558 8.93 12.57 0.95
C PHE A 558 8.49 13.80 0.17
N PHE A 559 7.68 13.61 -0.89
CA PHE A 559 7.24 14.74 -1.70
C PHE A 559 6.44 15.73 -0.88
N THR A 560 5.64 15.22 0.04
CA THR A 560 4.86 16.10 0.90
C THR A 560 5.77 16.97 1.75
N LYS A 561 6.87 16.41 2.25
CA LYS A 561 7.78 17.24 3.03
C LYS A 561 8.60 18.16 2.12
N LEU A 562 8.91 17.73 0.90
CA LEU A 562 9.51 18.64 -0.07
C LEU A 562 8.57 19.80 -0.36
N MET A 563 7.31 19.50 -0.69
CA MET A 563 6.36 20.57 -0.98
C MET A 563 6.14 21.45 0.23
N ARG A 564 6.07 20.85 1.42
CA ARG A 564 5.94 21.66 2.63
C ARG A 564 7.11 22.63 2.78
N ASP A 565 8.32 22.17 2.52
CA ASP A 565 9.47 23.07 2.67
C ASP A 565 9.53 24.12 1.56
N GLU A 566 8.85 23.90 0.44
CA GLU A 566 8.80 24.93 -0.60
C GLU A 566 7.72 25.97 -0.35
N GLY A 567 6.85 25.77 0.64
CA GLY A 567 5.81 26.74 0.96
C GLY A 567 4.47 26.45 0.33
N LEU A 568 4.31 25.32 -0.33
CA LEU A 568 3.09 25.01 -1.07
C LEU A 568 2.03 24.36 -0.20
N VAL A 569 2.42 23.54 0.76
CA VAL A 569 1.46 22.86 1.64
C VAL A 569 1.90 23.09 3.09
N ASN A 570 0.99 22.78 4.00
CA ASN A 570 1.21 23.06 5.41
C ASN A 570 1.14 21.80 6.28
N VAL A 571 1.12 20.62 5.68
CA VAL A 571 1.07 19.40 6.46
C VAL A 571 2.43 18.71 6.39
N ASP A 572 2.69 17.87 7.40
CA ASP A 572 3.87 17.00 7.42
C ASP A 572 3.63 15.65 6.76
N GLU A 573 2.38 15.21 6.69
CA GLU A 573 2.05 13.86 6.27
C GLU A 573 0.85 13.92 5.35
N PRO A 574 0.91 13.27 4.19
CA PRO A 574 -0.23 13.29 3.27
C PRO A 574 -1.43 12.46 3.70
N PHE A 575 -1.28 11.38 4.49
CA PHE A 575 -2.35 10.40 4.68
C PHE A 575 -2.55 10.13 6.16
N GLU A 576 -3.75 10.46 6.68
CA GLU A 576 -4.06 10.26 8.10
C GLU A 576 -4.46 8.82 8.40
N ARG A 577 -5.57 8.34 7.81
CA ARG A 577 -6.01 6.96 7.91
CA ARG A 577 -5.99 6.95 7.92
C ARG A 577 -5.61 6.19 6.65
N LEU A 578 -5.20 4.94 6.83
CA LEU A 578 -4.77 4.11 5.72
C LEU A 578 -5.43 2.74 5.81
N LEU A 579 -6.07 2.32 4.72
CA LEU A 579 -6.77 1.05 4.65
C LEU A 579 -6.21 0.25 3.49
N THR A 580 -5.73 -0.96 3.79
CA THR A 580 -5.07 -1.85 2.85
C THR A 580 -6.03 -2.97 2.47
N GLN A 581 -6.43 -3.02 1.19
CA GLN A 581 -7.40 -4.02 0.75
C GLN A 581 -6.69 -5.30 0.30
N GLY A 582 -7.31 -6.45 0.59
CA GLY A 582 -6.78 -7.72 0.14
C GLY A 582 -6.93 -7.95 -1.36
N MET A 583 -6.23 -8.97 -1.85
CA MET A 583 -6.32 -9.38 -3.25
C MET A 583 -7.69 -9.92 -3.58
N VAL A 584 -7.94 -10.11 -4.87
CA VAL A 584 -9.12 -10.81 -5.37
C VAL A 584 -8.64 -12.02 -6.17
N VAL A 585 -9.05 -13.22 -5.74
CA VAL A 585 -8.52 -14.47 -6.27
C VAL A 585 -9.66 -15.29 -6.87
N CYS A 586 -9.28 -16.30 -7.66
CA CYS A 586 -10.27 -17.13 -8.35
C CYS A 586 -9.66 -18.47 -8.77
N GLU A 587 -10.52 -19.47 -8.87
CA GLU A 587 -10.16 -20.79 -9.35
C GLU A 587 -9.54 -20.74 -10.74
N THR A 588 -8.62 -21.66 -11.01
CA THR A 588 -8.01 -21.83 -12.32
C THR A 588 -8.47 -23.15 -12.94
N TYR A 589 -8.44 -23.20 -14.26
CA TYR A 589 -8.88 -24.37 -15.00
C TYR A 589 -7.90 -24.63 -16.13
N TYR A 590 -7.62 -25.91 -16.42
CA TYR A 590 -6.67 -26.19 -17.48
C TYR A 590 -6.97 -27.51 -18.17
N ARG A 591 -6.64 -27.54 -19.45
CA ARG A 591 -6.41 -28.74 -20.22
C ARG A 591 -4.90 -28.94 -20.32
N GLU A 592 -4.49 -30.14 -20.69
CA GLU A 592 -3.07 -30.43 -20.86
C GLU A 592 -2.70 -30.38 -22.34
N ASN A 593 -1.42 -30.13 -22.58
CA ASN A 593 -0.87 -29.87 -23.89
C ASN A 593 -0.26 -31.14 -24.47
N ASP A 594 -0.21 -31.18 -25.80
CA ASP A 594 0.50 -32.25 -26.47
C ASP A 594 1.98 -31.91 -26.56
N LYS A 595 2.46 -31.14 -25.59
CA LYS A 595 3.87 -30.91 -25.35
C LYS A 595 4.24 -31.16 -23.89
N GLY A 596 3.31 -31.73 -23.11
CA GLY A 596 3.58 -31.97 -21.71
C GLY A 596 3.37 -30.76 -20.82
N GLY A 597 2.58 -29.78 -21.24
CA GLY A 597 2.32 -28.62 -20.42
C GLY A 597 0.85 -28.44 -20.09
N LYS A 598 0.43 -27.20 -19.84
CA LYS A 598 -0.94 -26.89 -19.45
C LYS A 598 -1.43 -25.64 -20.19
N ASP A 599 -2.70 -25.67 -20.59
CA ASP A 599 -3.41 -24.53 -21.17
C ASP A 599 -4.44 -24.01 -20.16
N TRP A 600 -4.19 -22.82 -19.62
CA TRP A 600 -5.08 -22.23 -18.63
C TRP A 600 -6.31 -21.64 -19.31
N ILE A 601 -7.51 -22.15 -18.89
CA ILE A 601 -8.85 -21.80 -19.41
C ILE A 601 -9.44 -20.69 -18.55
N ASN A 602 -10.29 -19.85 -19.16
CA ASN A 602 -10.94 -18.81 -18.37
C ASN A 602 -12.19 -19.37 -17.68
N PRO A 603 -12.49 -18.90 -16.47
CA PRO A 603 -13.74 -19.32 -15.81
C PRO A 603 -14.99 -19.09 -16.65
N ALA A 604 -15.05 -18.01 -17.43
CA ALA A 604 -16.27 -17.70 -18.17
C ALA A 604 -16.64 -18.77 -19.20
N ASP A 605 -15.67 -19.55 -19.66
CA ASP A 605 -15.87 -20.59 -20.65
C ASP A 605 -15.85 -21.99 -20.03
N VAL A 606 -16.27 -22.10 -18.77
CA VAL A 606 -16.36 -23.36 -18.07
C VAL A 606 -17.70 -23.43 -17.35
N GLU A 607 -18.36 -24.59 -17.42
CA GLU A 607 -19.56 -24.86 -16.65
C GLU A 607 -19.26 -25.96 -15.64
N LEU A 608 -19.84 -25.85 -14.44
CA LEU A 608 -19.62 -26.82 -13.38
C LEU A 608 -20.77 -27.82 -13.30
N THR A 609 -20.57 -28.85 -12.47
CA THR A 609 -21.63 -29.83 -12.20
C THR A 609 -21.77 -30.08 -10.70
N SER A 618 -18.16 -32.58 -12.45
CA SER A 618 -16.88 -32.13 -13.00
C SER A 618 -17.04 -30.75 -13.63
N ALA A 619 -16.31 -30.48 -14.71
CA ALA A 619 -16.41 -29.20 -15.40
C ALA A 619 -15.91 -29.35 -16.82
N VAL A 620 -16.49 -28.56 -17.73
CA VAL A 620 -16.16 -28.60 -19.16
C VAL A 620 -16.35 -27.22 -19.76
N LEU A 621 -16.24 -27.12 -21.08
CA LEU A 621 -16.42 -25.85 -21.76
C LEU A 621 -17.88 -25.41 -21.73
N LYS A 622 -18.10 -24.11 -22.02
CA LYS A 622 -19.47 -23.60 -22.06
C LYS A 622 -20.09 -23.74 -23.45
N ALA A 623 -19.31 -23.52 -24.51
CA ALA A 623 -19.79 -23.79 -25.86
C ALA A 623 -19.53 -25.23 -26.29
N ASP A 624 -18.50 -25.86 -25.72
CA ASP A 624 -18.10 -27.24 -25.98
C ASP A 624 -18.41 -28.08 -24.74
N GLY A 625 -18.11 -29.38 -24.83
CA GLY A 625 -18.41 -30.30 -23.74
C GLY A 625 -17.23 -31.09 -23.25
N LEU A 626 -16.05 -30.81 -23.79
CA LEU A 626 -14.85 -31.52 -23.36
C LEU A 626 -14.42 -31.01 -21.99
N PRO A 627 -14.21 -31.90 -21.01
CA PRO A 627 -13.93 -31.45 -19.63
C PRO A 627 -12.61 -30.69 -19.50
N VAL A 628 -12.54 -29.86 -18.47
CA VAL A 628 -11.31 -29.17 -18.06
C VAL A 628 -10.89 -29.71 -16.69
N VAL A 629 -9.68 -29.33 -16.26
CA VAL A 629 -9.14 -29.76 -14.97
C VAL A 629 -9.18 -28.57 -14.02
N ILE A 630 -10.07 -28.63 -13.03
CA ILE A 630 -10.12 -27.61 -12.00
C ILE A 630 -8.87 -27.68 -11.16
N SER A 631 -8.16 -26.56 -11.04
CA SER A 631 -6.94 -26.51 -10.22
C SER A 631 -7.08 -25.38 -9.20
N GLY A 632 -5.94 -24.91 -8.70
CA GLY A 632 -5.91 -24.10 -7.50
C GLY A 632 -6.41 -22.66 -7.67
N THR A 633 -6.65 -22.04 -6.52
CA THR A 633 -7.16 -20.68 -6.44
C THR A 633 -6.00 -19.74 -6.22
N GLU A 634 -5.95 -18.67 -7.02
CA GLU A 634 -4.91 -17.66 -6.87
C GLU A 634 -5.42 -16.32 -7.38
N LYS A 635 -4.67 -15.27 -7.03
CA LYS A 635 -4.97 -13.93 -7.48
C LYS A 635 -5.25 -13.91 -8.97
N MET A 636 -6.32 -13.22 -9.35
CA MET A 636 -6.69 -13.10 -10.75
C MET A 636 -5.54 -12.47 -11.53
N SER A 637 -5.19 -13.09 -12.66
CA SER A 637 -4.09 -12.58 -13.48
C SER A 637 -4.16 -13.23 -14.85
N LYS A 638 -3.59 -12.51 -15.84
CA LYS A 638 -3.52 -13.07 -17.17
C LYS A 638 -2.61 -14.29 -17.26
N SER A 639 -1.85 -14.61 -16.20
CA SER A 639 -0.87 -15.69 -16.30
C SER A 639 -1.52 -17.07 -16.28
N LYS A 640 -2.59 -17.25 -15.49
CA LYS A 640 -3.36 -18.49 -15.49
C LYS A 640 -4.78 -18.27 -15.97
N ASN A 641 -5.01 -17.16 -16.68
CA ASN A 641 -6.24 -16.91 -17.43
C ASN A 641 -7.48 -17.06 -16.55
N ASN A 642 -7.38 -16.55 -15.32
CA ASN A 642 -8.45 -16.74 -14.34
C ASN A 642 -9.09 -15.42 -13.93
N GLY A 643 -8.91 -14.36 -14.72
CA GLY A 643 -9.53 -13.08 -14.38
C GLY A 643 -11.01 -13.09 -14.76
N VAL A 644 -11.83 -12.55 -13.86
CA VAL A 644 -13.26 -12.41 -14.10
C VAL A 644 -13.54 -10.95 -14.45
N ASP A 645 -14.07 -10.71 -15.64
CA ASP A 645 -14.25 -9.36 -16.14
C ASP A 645 -15.42 -8.67 -15.43
N PRO A 646 -15.18 -7.59 -14.67
CA PRO A 646 -16.29 -6.91 -13.96
C PRO A 646 -17.38 -6.38 -14.88
N GLN A 647 -17.09 -6.08 -16.15
CA GLN A 647 -18.13 -5.58 -17.04
C GLN A 647 -19.19 -6.64 -17.30
N GLU A 648 -18.80 -7.92 -17.36
CA GLU A 648 -19.80 -8.96 -17.52
C GLU A 648 -20.60 -9.17 -16.24
N LEU A 649 -20.00 -8.92 -15.08
CA LEU A 649 -20.75 -9.04 -13.83
C LEU A 649 -21.79 -7.92 -13.72
N ILE A 650 -21.43 -6.71 -14.13
CA ILE A 650 -22.38 -5.60 -14.18
C ILE A 650 -23.48 -5.87 -15.19
N ASN A 651 -23.10 -6.25 -16.42
CA ASN A 651 -24.08 -6.60 -17.45
C ASN A 651 -25.11 -7.60 -16.95
N ALA A 652 -24.67 -8.57 -16.13
CA ALA A 652 -25.54 -9.69 -15.80
C ALA A 652 -26.44 -9.40 -14.62
N TYR A 653 -26.01 -8.52 -13.71
CA TYR A 653 -26.68 -8.32 -12.43
C TYR A 653 -26.85 -6.87 -12.02
N GLY A 654 -26.21 -5.90 -12.68
CA GLY A 654 -26.22 -4.52 -12.23
C GLY A 654 -25.13 -4.19 -11.22
N ALA A 655 -24.93 -2.88 -11.03
CA ALA A 655 -23.84 -2.41 -10.18
C ALA A 655 -24.08 -2.73 -8.72
N ASP A 656 -25.31 -2.57 -8.22
CA ASP A 656 -25.56 -2.80 -6.80
C ASP A 656 -25.19 -4.23 -6.38
N THR A 657 -25.45 -5.22 -7.25
CA THR A 657 -25.07 -6.59 -6.92
C THR A 657 -23.56 -6.74 -6.83
N ALA A 658 -22.85 -6.19 -7.80
CA ALA A 658 -21.40 -6.24 -7.79
C ALA A 658 -20.85 -5.62 -6.51
N ARG A 659 -21.36 -4.44 -6.13
CA ARG A 659 -20.83 -3.74 -4.96
C ARG A 659 -21.13 -4.50 -3.68
N LEU A 660 -22.32 -5.11 -3.60
CA LEU A 660 -22.70 -5.84 -2.41
C LEU A 660 -21.88 -7.12 -2.25
N PHE A 661 -21.69 -7.85 -3.35
CA PHE A 661 -20.88 -9.06 -3.25
C PHE A 661 -19.48 -8.73 -2.73
N MET A 662 -18.86 -7.69 -3.27
CA MET A 662 -17.49 -7.39 -2.89
C MET A 662 -17.38 -7.01 -1.43
N MET A 663 -18.39 -6.30 -0.90
CA MET A 663 -18.33 -5.91 0.51
C MET A 663 -18.74 -7.03 1.43
N PHE A 664 -19.68 -7.91 1.03
CA PHE A 664 -20.14 -8.98 1.91
C PHE A 664 -19.17 -10.14 2.00
N ALA A 665 -18.47 -10.44 0.89
CA ALA A 665 -17.70 -11.67 0.76
C ALA A 665 -16.60 -11.77 1.81
N ALA A 666 -15.88 -10.69 2.09
CA ALA A 666 -14.81 -10.73 3.08
C ALA A 666 -14.60 -9.33 3.65
N PRO A 667 -14.00 -9.22 4.83
CA PRO A 667 -13.49 -7.93 5.27
C PRO A 667 -12.48 -7.39 4.29
N PRO A 668 -12.34 -6.07 4.20
CA PRO A 668 -11.47 -5.49 3.17
C PRO A 668 -10.02 -5.97 3.21
N GLU A 669 -9.49 -6.29 4.39
CA GLU A 669 -8.11 -6.77 4.45
C GLU A 669 -7.97 -8.22 3.98
N GLN A 670 -9.00 -9.05 4.16
CA GLN A 670 -8.96 -10.44 3.76
CA GLN A 670 -8.86 -10.43 3.76
C GLN A 670 -9.03 -10.56 2.24
N SER A 671 -8.39 -11.60 1.69
CA SER A 671 -8.55 -11.89 0.26
C SER A 671 -9.98 -12.28 -0.06
N LEU A 672 -10.51 -11.73 -1.15
CA LEU A 672 -11.86 -12.00 -1.62
C LEU A 672 -11.83 -13.10 -2.67
N GLU A 673 -12.60 -14.16 -2.45
CA GLU A 673 -12.68 -15.31 -3.35
C GLU A 673 -13.90 -15.19 -4.26
N TRP A 674 -13.67 -15.27 -5.57
CA TRP A 674 -14.77 -15.17 -6.53
C TRP A 674 -15.73 -16.33 -6.33
N SER A 675 -17.03 -16.05 -6.30
CA SER A 675 -18.00 -17.11 -6.10
C SER A 675 -19.27 -16.78 -6.88
N ASP A 676 -19.56 -17.56 -7.92
CA ASP A 676 -20.83 -17.43 -8.62
C ASP A 676 -21.99 -17.52 -7.65
N SER A 677 -21.94 -18.54 -6.78
CA SER A 677 -22.97 -18.73 -5.77
C SER A 677 -23.14 -17.50 -4.89
N GLY A 678 -22.04 -16.88 -4.46
CA GLY A 678 -22.14 -15.70 -3.64
C GLY A 678 -22.62 -14.46 -4.39
N VAL A 679 -22.32 -14.37 -5.68
CA VAL A 679 -22.90 -13.29 -6.48
C VAL A 679 -24.42 -13.44 -6.58
N GLU A 680 -24.91 -14.68 -6.79
CA GLU A 680 -26.35 -14.89 -6.81
C GLU A 680 -26.97 -14.61 -5.43
N GLY A 681 -26.26 -14.91 -4.35
CA GLY A 681 -26.78 -14.58 -3.04
C GLY A 681 -26.94 -13.08 -2.85
N ALA A 682 -25.99 -12.30 -3.38
CA ALA A 682 -26.09 -10.86 -3.24
C ALA A 682 -27.28 -10.32 -4.02
N HIS A 683 -27.52 -10.85 -5.22
CA HIS A 683 -28.64 -10.38 -6.03
C HIS A 683 -29.98 -10.73 -5.35
N ARG A 684 -30.13 -11.98 -4.91
CA ARG A 684 -31.36 -12.36 -4.25
C ARG A 684 -31.60 -11.56 -2.98
N PHE A 685 -30.53 -11.15 -2.29
CA PHE A 685 -30.78 -10.30 -1.13
C PHE A 685 -31.31 -8.94 -1.55
N LEU A 686 -30.83 -8.42 -2.67
CA LEU A 686 -31.38 -7.16 -3.18
C LEU A 686 -32.84 -7.34 -3.59
N ARG A 687 -33.15 -8.46 -4.23
CA ARG A 687 -34.53 -8.78 -4.55
C ARG A 687 -35.39 -8.75 -3.30
N ARG A 688 -34.86 -9.29 -2.20
CA ARG A 688 -35.61 -9.36 -0.96
C ARG A 688 -35.84 -7.97 -0.39
N LEU A 689 -34.81 -7.13 -0.43
CA LEU A 689 -34.98 -5.75 0.00
C LEU A 689 -36.07 -5.07 -0.81
N TRP A 690 -36.04 -5.26 -2.14
CA TRP A 690 -37.07 -4.73 -3.01
C TRP A 690 -38.45 -5.20 -2.58
N ARG A 691 -38.63 -6.51 -2.45
CA ARG A 691 -39.94 -7.06 -2.13
C ARG A 691 -40.45 -6.57 -0.78
N THR A 692 -39.57 -6.52 0.23
CA THR A 692 -39.97 -6.10 1.56
C THR A 692 -40.62 -4.73 1.56
N VAL A 693 -40.03 -3.79 0.82
CA VAL A 693 -40.60 -2.45 0.76
C VAL A 693 -41.85 -2.44 -0.11
N TYR A 694 -41.83 -3.12 -1.26
CA TYR A 694 -43.03 -3.20 -2.11
C TYR A 694 -44.21 -3.76 -1.31
N GLU A 695 -44.00 -4.89 -0.63
CA GLU A 695 -45.08 -5.50 0.12
C GLU A 695 -45.59 -4.57 1.22
N TYR A 696 -44.67 -3.87 1.89
CA TYR A 696 -45.08 -2.96 2.95
C TYR A 696 -45.94 -1.83 2.39
N LEU A 697 -45.56 -1.30 1.22
CA LEU A 697 -46.28 -0.19 0.63
C LEU A 697 -47.61 -0.63 0.02
N LYS A 698 -47.72 -1.88 -0.41
CA LYS A 698 -48.97 -2.33 -1.01
C LYS A 698 -50.02 -2.67 0.03
N GLN A 699 -49.62 -2.80 1.30
CA GLN A 699 -50.58 -2.98 2.37
C GLN A 699 -50.77 -1.67 3.16
N GLY A 700 -51.10 -0.61 2.43
CA GLY A 700 -51.51 0.60 3.11
C GLY A 700 -50.80 1.89 2.76
N GLY A 701 -49.64 1.82 2.14
CA GLY A 701 -48.91 3.03 1.82
C GLY A 701 -48.17 3.61 3.02
N ALA A 702 -47.31 4.56 2.73
CA ALA A 702 -46.35 5.05 3.71
C ALA A 702 -47.06 5.80 4.84
N VAL A 703 -46.40 5.84 6.00
CA VAL A 703 -46.90 6.56 7.17
C VAL A 703 -45.72 7.30 7.78
N LYS A 704 -46.03 8.21 8.71
CA LYS A 704 -44.97 8.85 9.48
C LYS A 704 -44.24 7.80 10.31
N ALA A 705 -42.91 7.74 10.15
CA ALA A 705 -42.10 6.80 10.91
C ALA A 705 -42.29 7.01 12.41
N PHE A 706 -42.35 5.91 13.17
CA PHE A 706 -42.45 6.04 14.61
C PHE A 706 -41.25 6.83 15.16
N ALA A 707 -41.55 7.69 16.12
CA ALA A 707 -40.53 8.49 16.81
C ALA A 707 -41.05 8.86 18.19
N GLY A 708 -40.16 8.92 19.16
CA GLY A 708 -40.46 9.49 20.45
C GLY A 708 -40.63 8.45 21.54
N ASN A 709 -41.31 8.89 22.60
CA ASN A 709 -41.60 8.05 23.76
C ASN A 709 -42.27 6.77 23.30
N GLN A 710 -41.74 5.64 23.78
CA GLN A 710 -42.25 4.35 23.35
C GLN A 710 -42.91 3.56 24.48
N ASP A 711 -43.12 4.16 25.65
CA ASP A 711 -44.01 3.58 26.65
C ASP A 711 -45.34 3.28 25.99
N GLY A 712 -45.86 2.08 26.20
CA GLY A 712 -47.14 1.75 25.63
C GLY A 712 -47.08 1.12 24.26
N LEU A 713 -45.91 1.02 23.66
CA LEU A 713 -45.72 0.08 22.57
C LEU A 713 -45.75 -1.34 23.13
N SER A 714 -46.18 -2.29 22.31
CA SER A 714 -46.17 -3.68 22.73
C SER A 714 -44.74 -4.18 22.90
N LYS A 715 -44.62 -5.30 23.64
CA LYS A 715 -43.33 -5.96 23.80
C LYS A 715 -42.70 -6.30 22.44
N GLU A 716 -43.49 -6.90 21.55
CA GLU A 716 -42.97 -7.28 20.24
C GLU A 716 -42.41 -6.07 19.47
N LEU A 717 -43.08 -4.92 19.53
CA LEU A 717 -42.61 -3.76 18.77
C LEU A 717 -41.51 -3.00 19.50
N LYS A 718 -41.47 -3.05 20.84
CA LYS A 718 -40.30 -2.53 21.55
C LYS A 718 -39.05 -3.33 21.21
N ASP A 719 -39.18 -4.65 21.06
CA ASP A 719 -38.03 -5.50 20.74
C ASP A 719 -37.47 -5.19 19.35
N LEU A 720 -38.35 -4.98 18.37
CA LEU A 720 -37.92 -4.62 17.03
C LEU A 720 -37.18 -3.28 17.03
N ARG A 721 -37.64 -2.32 17.85
CA ARG A 721 -36.94 -1.03 17.95
C ARG A 721 -35.60 -1.18 18.66
N HIS A 722 -35.50 -2.10 19.62
CA HIS A 722 -34.20 -2.40 20.20
C HIS A 722 -33.25 -2.91 19.13
N LYS A 723 -33.69 -3.91 18.35
CA LYS A 723 -32.84 -4.42 17.28
C LYS A 723 -32.53 -3.33 16.27
N LEU A 724 -33.53 -2.51 15.93
CA LEU A 724 -33.32 -1.42 14.98
C LEU A 724 -32.20 -0.50 15.45
N HIS A 725 -32.30 0.01 16.67
CA HIS A 725 -31.32 0.98 17.11
C HIS A 725 -30.00 0.32 17.53
N SER A 726 -30.02 -0.97 17.86
CA SER A 726 -28.77 -1.71 18.02
C SER A 726 -28.06 -1.88 16.67
N THR A 727 -28.82 -2.18 15.62
CA THR A 727 -28.24 -2.29 14.29
C THR A 727 -27.61 -0.98 13.84
N THR A 728 -28.31 0.15 14.07
CA THR A 728 -27.77 1.44 13.66
C THR A 728 -26.42 1.71 14.32
N ALA A 729 -26.31 1.43 15.62
CA ALA A 729 -25.07 1.66 16.32
C ALA A 729 -23.99 0.68 15.87
N LYS A 730 -24.37 -0.57 15.63
CA LYS A 730 -23.43 -1.56 15.13
C LYS A 730 -22.87 -1.12 13.78
N VAL A 731 -23.76 -0.85 12.82
CA VAL A 731 -23.36 -0.43 11.48
C VAL A 731 -22.49 0.81 11.53
N SER A 732 -22.95 1.88 12.20
CA SER A 732 -22.13 3.08 12.35
C SER A 732 -20.74 2.74 12.89
N ASP A 733 -20.67 1.81 13.83
CA ASP A 733 -19.34 1.51 14.33
C ASP A 733 -18.54 0.65 13.36
N ASP A 734 -19.21 -0.10 12.47
CA ASP A 734 -18.52 -0.88 11.44
C ASP A 734 -18.03 -0.01 10.29
N TYR A 735 -18.77 1.07 9.95
CA TYR A 735 -18.32 1.98 8.91
C TYR A 735 -17.26 2.94 9.42
N GLY A 736 -17.47 3.50 10.60
CA GLY A 736 -16.56 4.48 11.15
C GLY A 736 -15.35 3.95 11.87
N ARG A 737 -15.53 2.99 12.77
CA ARG A 737 -14.41 2.52 13.57
C ARG A 737 -13.70 1.33 12.94
N ARG A 738 -14.42 0.22 12.77
CA ARG A 738 -13.79 -1.04 12.40
C ARG A 738 -13.39 -1.10 10.92
N GLN A 739 -14.13 -0.41 10.05
CA GLN A 739 -14.00 -0.54 8.59
C GLN A 739 -14.11 -2.01 8.17
N GLN A 740 -15.26 -2.59 8.52
CA GLN A 740 -15.53 -4.03 8.42
C GLN A 740 -16.93 -4.14 7.83
N PHE A 741 -17.02 -4.00 6.51
CA PHE A 741 -18.32 -3.76 5.90
C PHE A 741 -19.18 -5.01 5.80
N ASN A 742 -18.59 -6.19 5.91
CA ASN A 742 -19.37 -7.42 5.81
C ASN A 742 -20.22 -7.65 7.06
N THR A 743 -19.72 -7.31 8.24
CA THR A 743 -20.52 -7.49 9.46
C THR A 743 -21.69 -6.51 9.53
N ALA A 744 -21.55 -5.31 8.91
CA ALA A 744 -22.63 -4.34 8.88
C ALA A 744 -23.77 -4.79 7.96
N ILE A 745 -23.44 -5.48 6.87
CA ILE A 745 -24.48 -6.06 6.02
C ILE A 745 -25.19 -7.19 6.77
N ALA A 746 -24.44 -8.04 7.48
CA ALA A 746 -25.07 -9.10 8.24
C ALA A 746 -25.99 -8.52 9.31
N ALA A 747 -25.59 -7.41 9.92
CA ALA A 747 -26.42 -6.79 10.95
C ALA A 747 -27.75 -6.32 10.38
N VAL A 748 -27.71 -5.69 9.19
CA VAL A 748 -28.95 -5.25 8.56
C VAL A 748 -29.80 -6.43 8.13
N MET A 749 -29.18 -7.55 7.75
CA MET A 749 -29.94 -8.74 7.42
C MET A 749 -30.64 -9.31 8.65
N GLU A 750 -29.96 -9.30 9.79
CA GLU A 750 -30.59 -9.77 11.02
C GLU A 750 -31.76 -8.86 11.40
N LEU A 751 -31.59 -7.55 11.23
CA LEU A 751 -32.69 -6.64 11.53
C LEU A 751 -33.90 -6.93 10.65
N LEU A 752 -33.68 -7.23 9.37
CA LEU A 752 -34.81 -7.53 8.50
C LEU A 752 -35.42 -8.88 8.82
N ASN A 753 -34.61 -9.81 9.36
CA ASN A 753 -35.14 -11.08 9.82
C ASN A 753 -36.11 -10.89 10.98
N GLN A 754 -35.71 -10.10 11.98
CA GLN A 754 -36.59 -9.86 13.10
C GLN A 754 -37.90 -9.19 12.65
N TYR A 755 -37.79 -8.20 11.75
CA TYR A 755 -38.95 -7.53 11.17
C TYR A 755 -39.87 -8.53 10.48
N ASP A 756 -39.28 -9.50 9.76
CA ASP A 756 -40.08 -10.52 9.07
C ASP A 756 -40.87 -11.38 10.05
N LYS A 757 -40.36 -11.55 11.26
CA LYS A 757 -41.02 -12.36 12.28
C LYS A 757 -41.87 -11.51 13.22
N THR A 758 -41.99 -10.21 12.97
CA THR A 758 -42.83 -9.34 13.78
C THR A 758 -44.09 -8.94 13.01
N ASP A 759 -45.23 -8.99 13.70
CA ASP A 759 -46.50 -8.52 13.16
C ASP A 759 -46.50 -6.99 13.22
N THR A 760 -46.51 -6.35 12.06
CA THR A 760 -46.51 -4.90 11.94
C THR A 760 -47.83 -4.38 11.38
N GLY A 761 -48.93 -5.11 11.62
CA GLY A 761 -50.20 -4.77 11.00
C GLY A 761 -50.98 -3.67 11.68
N SER A 762 -50.83 -3.52 13.00
CA SER A 762 -51.55 -2.47 13.71
C SER A 762 -51.06 -1.09 13.31
N GLU A 763 -51.73 -0.07 13.84
CA GLU A 763 -51.39 1.31 13.54
C GLU A 763 -49.99 1.65 14.05
N GLN A 764 -49.71 1.36 15.31
CA GLN A 764 -48.36 1.53 15.82
C GLN A 764 -47.39 0.56 15.12
N GLY A 765 -47.90 -0.57 14.66
CA GLY A 765 -47.05 -1.50 13.91
C GLY A 765 -46.51 -0.90 12.63
N ARG A 766 -47.36 -0.20 11.86
CA ARG A 766 -46.89 0.42 10.62
C ARG A 766 -45.86 1.49 10.92
N ALA A 767 -46.09 2.32 11.95
CA ALA A 767 -45.14 3.36 12.29
C ALA A 767 -43.76 2.78 12.62
N VAL A 768 -43.71 1.60 13.22
CA VAL A 768 -42.42 1.01 13.54
C VAL A 768 -41.81 0.39 12.30
N ALA A 769 -42.63 -0.24 11.45
CA ALA A 769 -42.14 -0.75 10.17
C ALA A 769 -41.57 0.39 9.33
N GLN A 770 -42.29 1.51 9.23
CA GLN A 770 -41.76 2.66 8.52
C GLN A 770 -40.39 3.05 9.07
N GLU A 771 -40.27 3.16 10.39
CA GLU A 771 -38.98 3.46 11.02
C GLU A 771 -37.92 2.44 10.63
N VAL A 772 -38.25 1.15 10.76
CA VAL A 772 -37.28 0.09 10.41
C VAL A 772 -36.78 0.28 8.99
N LEU A 773 -37.71 0.38 8.03
CA LEU A 773 -37.36 0.42 6.62
C LEU A 773 -36.62 1.70 6.26
N GLU A 774 -37.04 2.84 6.80
CA GLU A 774 -36.32 4.08 6.52
C GLU A 774 -34.90 4.05 7.05
N ALA A 775 -34.66 3.28 8.11
CA ALA A 775 -33.30 3.15 8.62
C ALA A 775 -32.48 2.16 7.78
N ALA A 776 -33.10 1.03 7.41
CA ALA A 776 -32.40 -0.01 6.64
C ALA A 776 -31.84 0.53 5.33
N VAL A 777 -32.60 1.36 4.62
CA VAL A 777 -32.16 1.78 3.30
C VAL A 777 -31.11 2.89 3.41
N ARG A 778 -31.19 3.70 4.46
CA ARG A 778 -30.09 4.63 4.73
C ARG A 778 -28.83 3.90 5.21
N LEU A 779 -29.00 2.88 6.05
CA LEU A 779 -27.86 2.11 6.55
C LEU A 779 -27.11 1.42 5.43
N LEU A 780 -27.80 1.06 4.35
CA LEU A 780 -27.22 0.31 3.23
C LEU A 780 -26.90 1.19 2.03
N TRP A 781 -27.37 2.43 2.03
CA TRP A 781 -27.07 3.36 0.95
C TRP A 781 -25.58 3.49 0.63
N PRO A 782 -24.64 3.47 1.57
CA PRO A 782 -23.23 3.51 1.14
C PRO A 782 -22.81 2.28 0.36
N ILE A 783 -23.50 1.15 0.51
CA ILE A 783 -23.08 -0.07 -0.15
C ILE A 783 -23.78 -0.24 -1.49
N VAL A 784 -25.10 -0.05 -1.50
CA VAL A 784 -25.88 -0.23 -2.72
C VAL A 784 -26.73 1.03 -2.90
N PRO A 785 -26.15 2.17 -3.29
CA PRO A 785 -26.93 3.41 -3.27
C PRO A 785 -28.07 3.48 -4.30
N HIS A 786 -27.99 2.76 -5.42
CA HIS A 786 -29.07 2.87 -6.42
C HIS A 786 -30.40 2.35 -5.88
N ILE A 787 -30.42 1.10 -5.41
CA ILE A 787 -31.68 0.53 -4.95
C ILE A 787 -32.18 1.26 -3.72
N CYS A 788 -31.27 1.68 -2.83
CA CYS A 788 -31.67 2.39 -1.62
C CYS A 788 -32.24 3.78 -1.94
N GLU A 789 -31.61 4.49 -2.89
CA GLU A 789 -32.17 5.75 -3.35
C GLU A 789 -33.57 5.56 -3.90
N THR A 790 -33.80 4.46 -4.63
CA THR A 790 -35.10 4.25 -5.26
C THR A 790 -36.15 3.94 -4.22
N LEU A 791 -35.83 3.02 -3.29
CA LEU A 791 -36.75 2.64 -2.23
C LEU A 791 -36.98 3.76 -1.23
N TRP A 792 -35.94 4.57 -0.95
CA TRP A 792 -36.14 5.73 -0.09
C TRP A 792 -37.16 6.69 -0.68
N SER A 793 -37.09 6.91 -2.00
CA SER A 793 -38.07 7.75 -2.67
C SER A 793 -39.47 7.16 -2.59
N GLU A 794 -39.61 5.83 -2.45
CA GLU A 794 -40.95 5.29 -2.27
C GLU A 794 -41.47 5.48 -0.86
N LEU A 795 -40.57 5.57 0.14
CA LEU A 795 -40.97 5.57 1.54
C LEU A 795 -41.13 6.97 2.12
N ASN A 796 -40.41 7.95 1.60
CA ASN A 796 -40.31 9.26 2.21
C ASN A 796 -39.92 10.24 1.13
N GLY A 797 -40.54 11.43 1.13
CA GLY A 797 -40.32 12.40 0.08
C GLY A 797 -39.16 13.38 0.28
N ALA A 798 -38.50 13.34 1.43
CA ALA A 798 -37.33 14.17 1.67
C ALA A 798 -36.14 13.67 0.86
N LYS A 799 -35.19 14.57 0.59
CA LYS A 799 -33.91 14.14 0.03
C LYS A 799 -33.22 13.17 1.00
N LEU A 800 -32.81 12.00 0.50
CA LEU A 800 -32.18 11.02 1.38
C LEU A 800 -30.96 11.62 2.08
N TRP A 801 -30.13 12.36 1.34
CA TRP A 801 -28.88 12.87 1.89
C TRP A 801 -29.07 14.01 2.88
N GLU A 802 -30.19 14.73 2.83
CA GLU A 802 -30.43 15.69 3.89
C GLU A 802 -31.24 15.09 5.03
N ALA A 803 -31.85 13.91 4.84
CA ALA A 803 -32.31 13.12 5.98
C ALA A 803 -31.13 12.70 6.83
N GLY A 804 -30.03 12.34 6.19
CA GLY A 804 -28.78 12.09 6.89
C GLY A 804 -28.74 10.73 7.51
N TRP A 805 -27.59 10.44 8.09
CA TRP A 805 -27.35 9.15 8.70
C TRP A 805 -28.35 8.88 9.84
N PRO A 806 -28.78 7.63 10.01
CA PRO A 806 -29.74 7.34 11.09
C PRO A 806 -29.14 7.62 12.45
N THR A 807 -29.98 8.11 13.35
CA THR A 807 -29.59 8.39 14.73
C THR A 807 -29.98 7.23 15.63
N VAL A 808 -29.16 6.95 16.62
CA VAL A 808 -29.51 5.97 17.63
C VAL A 808 -30.44 6.61 18.63
N ASP A 809 -31.50 5.90 19.00
CA ASP A 809 -32.40 6.32 20.08
C ASP A 809 -32.01 5.53 21.32
N GLU A 810 -31.33 6.19 22.25
CA GLU A 810 -30.86 5.49 23.45
C GLU A 810 -32.01 4.98 24.30
N ALA A 811 -33.19 5.62 24.21
CA ALA A 811 -34.37 5.13 24.94
C ALA A 811 -34.80 3.74 24.48
N ALA A 812 -34.63 3.41 23.19
CA ALA A 812 -35.05 2.09 22.71
C ALA A 812 -34.10 0.98 23.14
N LEU A 813 -32.98 1.32 23.78
CA LEU A 813 -31.99 0.34 24.24
C LEU A 813 -32.14 0.01 25.71
N VAL A 814 -32.68 0.92 26.50
CA VAL A 814 -33.08 0.59 27.87
C VAL A 814 -34.23 -0.40 27.80
N LYS A 815 -34.09 -1.51 28.51
CA LYS A 815 -35.17 -2.49 28.57
C LYS A 815 -35.88 -2.35 29.90
N SER A 816 -37.21 -2.50 29.88
CA SER A 816 -38.08 -1.98 30.93
C SER A 816 -37.91 -2.74 32.24
N GLU A 817 -38.17 -2.04 33.33
CA GLU A 817 -37.80 -2.51 34.66
C GLU A 817 -38.62 -3.72 35.10
N ILE A 818 -37.98 -4.56 35.91
CA ILE A 818 -38.61 -5.66 36.60
C ILE A 818 -38.43 -5.34 38.09
N GLU A 819 -39.45 -4.73 38.72
CA GLU A 819 -39.34 -4.15 40.06
C GLU A 819 -40.35 -4.77 41.01
N VAL A 820 -39.90 -5.15 42.21
CA VAL A 820 -40.77 -5.74 43.23
C VAL A 820 -40.01 -5.80 44.54
N MET A 821 -40.74 -6.01 45.64
CA MET A 821 -40.18 -6.21 46.96
C MET A 821 -40.39 -7.66 47.39
N VAL A 822 -39.70 -8.05 48.47
CA VAL A 822 -39.65 -9.45 48.91
C VAL A 822 -39.72 -9.51 50.44
N GLN A 823 -40.30 -10.60 50.96
CA GLN A 823 -40.47 -10.73 52.41
C GLN A 823 -40.56 -12.20 52.83
N VAL A 824 -39.71 -12.60 53.79
CA VAL A 824 -39.71 -13.93 54.36
C VAL A 824 -40.44 -13.87 55.71
N ASN A 825 -41.63 -14.48 55.76
CA ASN A 825 -42.48 -14.49 56.96
C ASN A 825 -42.92 -13.10 57.36
N GLY A 826 -43.52 -12.38 56.40
CA GLY A 826 -44.11 -11.08 56.67
C GLY A 826 -43.13 -9.92 56.71
N LYS A 827 -41.93 -10.16 57.23
CA LYS A 827 -40.94 -9.10 57.43
C LYS A 827 -40.09 -8.94 56.17
N LEU A 828 -40.13 -7.75 55.58
CA LEU A 828 -39.28 -7.46 54.42
C LEU A 828 -37.83 -7.28 54.86
N ALA A 841 -43.00 -18.16 39.10
CA ALA A 841 -42.06 -18.97 38.32
C ALA A 841 -40.90 -18.14 37.75
N ASP A 842 -41.19 -17.05 37.03
CA ASP A 842 -40.11 -16.18 36.57
C ASP A 842 -39.69 -15.14 37.61
N LEU A 843 -40.63 -14.71 38.47
CA LEU A 843 -40.31 -13.87 39.62
C LEU A 843 -39.88 -14.70 40.83
N GLU A 844 -40.49 -15.86 41.02
CA GLU A 844 -40.11 -16.73 42.12
C GLU A 844 -38.73 -17.32 41.91
N ALA A 845 -38.19 -17.25 40.68
CA ALA A 845 -36.85 -17.73 40.38
C ALA A 845 -35.79 -16.64 40.60
N ALA A 846 -36.12 -15.39 40.27
CA ALA A 846 -35.20 -14.30 40.59
C ALA A 846 -35.25 -13.95 42.08
N ALA A 847 -36.44 -13.97 42.68
CA ALA A 847 -36.61 -13.63 44.09
C ALA A 847 -36.22 -14.77 45.02
N LEU A 848 -35.94 -15.96 44.50
CA LEU A 848 -35.26 -16.98 45.28
C LEU A 848 -33.74 -16.87 45.18
N ALA A 849 -33.25 -16.02 44.26
CA ALA A 849 -31.82 -15.78 44.11
C ALA A 849 -31.33 -14.70 45.07
N ASN A 850 -32.00 -14.59 46.22
CA ASN A 850 -31.63 -13.64 47.28
C ASN A 850 -30.57 -14.23 48.22
N ILE A 865 -44.41 -19.93 48.41
CA ILE A 865 -43.83 -18.91 47.53
C ILE A 865 -44.91 -18.17 46.74
N ILE A 866 -45.68 -17.32 47.43
CA ILE A 866 -46.74 -16.54 46.81
C ILE A 866 -46.12 -15.46 45.93
N VAL A 867 -46.94 -14.80 45.10
CA VAL A 867 -46.47 -13.76 44.20
C VAL A 867 -47.65 -13.00 43.62
N VAL A 868 -48.17 -12.03 44.37
CA VAL A 868 -49.28 -11.19 43.89
C VAL A 868 -48.82 -10.42 42.66
N PRO A 869 -49.57 -10.47 41.53
CA PRO A 869 -49.04 -10.01 40.23
C PRO A 869 -48.41 -8.62 40.17
N GLY A 870 -47.08 -8.56 40.27
CA GLY A 870 -46.29 -7.42 39.82
C GLY A 870 -45.60 -6.64 40.93
N ARG A 871 -46.15 -6.63 42.14
CA ARG A 871 -45.69 -5.73 43.19
C ARG A 871 -44.91 -6.41 44.30
N LEU A 872 -45.34 -7.58 44.75
CA LEU A 872 -44.78 -8.24 45.92
C LEU A 872 -44.45 -9.69 45.61
N VAL A 873 -43.39 -10.18 46.24
CA VAL A 873 -43.02 -11.60 46.23
C VAL A 873 -42.90 -12.04 47.69
N ASN A 874 -43.83 -12.89 48.14
CA ASN A 874 -43.83 -13.41 49.50
C ASN A 874 -43.26 -14.82 49.50
N ILE A 875 -42.15 -15.04 50.23
CA ILE A 875 -41.49 -16.33 50.30
C ILE A 875 -41.96 -17.01 51.59
N VAL A 876 -42.81 -18.02 51.45
CA VAL A 876 -43.34 -18.77 52.58
C VAL A 876 -42.19 -19.52 53.25
N VAL A 877 -41.74 -19.01 54.40
CA VAL A 877 -40.51 -19.46 55.05
C VAL A 877 -40.48 -20.98 55.22
#